data_6YJ2
#
_entry.id   6YJ2
#
_cell.length_a   181.764
_cell.length_b   52.874
_cell.length_c   91.919
_cell.angle_alpha   90.000
_cell.angle_beta   90.100
_cell.angle_gamma   90.000
#
_symmetry.space_group_name_H-M   'C 1 2 1'
#
loop_
_entity.id
_entity.type
_entity.pdbx_description
1 polymer 'Probable transcriptional regulatory protein (Probably TetR-family)'
2 non-polymer GLYCEROL
3 water water
#
_entity_poly.entity_id   1
_entity_poly.type   'polypeptide(L)'
_entity_poly.pdbx_seq_one_letter_code
;MTASAPDGRPGQPEATNRRSQLKSDRRFQLLAAAERLFAERGFLAVRLEDIGAAAGVSGPAIYRHFPNKESLLVELLVGV
SARLLAGARDVTTRSANLAAALDGLIEFHLDFALGEADLIRIQDRDLAHLPAVAERQVRKAQRQYVEVWVGVLRELNPGL
AEADARLMAHAVFGLLNSTPHSMKAADSKPARTVRARAVLRAMTVAALSAADRCL
;
_entity_poly.pdbx_strand_id   B,D,A,C
#
loop_
_chem_comp.id
_chem_comp.type
_chem_comp.name
_chem_comp.formula
GOL non-polymer GLYCEROL 'C3 H8 O3'
#
# COMPACT_ATOMS: atom_id res chain seq x y z
N SER A 24 16.37 -3.72 -25.66
CA SER A 24 16.20 -4.41 -24.36
C SER A 24 14.71 -4.49 -24.00
N ASP A 25 14.32 -4.07 -22.79
CA ASP A 25 12.94 -4.26 -22.23
C ASP A 25 11.97 -3.27 -22.89
N ARG A 26 11.95 -3.23 -24.22
CA ARG A 26 10.76 -2.82 -25.01
C ARG A 26 9.66 -3.87 -24.82
N ARG A 27 10.08 -5.12 -24.58
CA ARG A 27 9.17 -6.28 -24.34
C ARG A 27 8.32 -5.98 -23.10
N PHE A 28 8.95 -5.47 -22.03
CA PHE A 28 8.30 -5.12 -20.74
C PHE A 28 7.33 -3.95 -20.94
N GLN A 29 7.75 -2.96 -21.75
CA GLN A 29 6.95 -1.73 -22.02
C GLN A 29 5.66 -2.11 -22.75
N LEU A 30 5.76 -3.01 -23.73
CA LEU A 30 4.61 -3.53 -24.50
C LEU A 30 3.66 -4.33 -23.58
N LEU A 31 4.19 -5.14 -22.64
CA LEU A 31 3.33 -5.96 -21.74
C LEU A 31 2.58 -5.03 -20.79
N ALA A 32 3.27 -4.04 -20.24
CA ALA A 32 2.71 -3.07 -19.28
C ALA A 32 1.61 -2.22 -19.97
N ALA A 33 1.85 -1.79 -21.20
CA ALA A 33 0.84 -1.05 -22.01
C ALA A 33 -0.35 -1.97 -22.28
N ALA A 34 -0.12 -3.20 -22.74
CA ALA A 34 -1.20 -4.20 -23.02
C ALA A 34 -2.05 -4.40 -21.78
N GLU A 35 -1.41 -4.53 -20.62
CA GLU A 35 -2.10 -4.73 -19.32
C GLU A 35 -3.01 -3.53 -19.04
N ARG A 36 -2.49 -2.32 -19.15
CA ARG A 36 -3.25 -1.06 -18.87
C ARG A 36 -4.43 -0.95 -19.85
N LEU A 37 -4.20 -1.18 -21.15
CA LEU A 37 -5.21 -0.92 -22.21
C LEU A 37 -6.26 -2.01 -22.22
N PHE A 38 -5.88 -3.29 -22.10
CA PHE A 38 -6.82 -4.42 -21.97
C PHE A 38 -7.77 -4.20 -20.77
N ALA A 39 -7.26 -3.73 -19.63
CA ALA A 39 -8.04 -3.46 -18.41
C ALA A 39 -9.05 -2.33 -18.66
N GLU A 40 -8.58 -1.21 -19.20
CA GLU A 40 -9.39 0.02 -19.48
C GLU A 40 -10.45 -0.24 -20.56
N ARG A 41 -10.07 -0.81 -21.71
CA ARG A 41 -10.90 -0.82 -22.96
C ARG A 41 -11.44 -2.21 -23.27
N GLY A 42 -10.87 -3.26 -22.67
CA GLY A 42 -11.21 -4.68 -22.97
C GLY A 42 -10.36 -5.17 -24.14
N PHE A 43 -10.09 -6.48 -24.20
CA PHE A 43 -9.19 -7.11 -25.19
C PHE A 43 -9.62 -6.76 -26.64
N LEU A 44 -10.89 -6.95 -26.99
CA LEU A 44 -11.39 -6.84 -28.40
C LEU A 44 -11.19 -5.44 -28.98
N ALA A 45 -11.44 -4.39 -28.19
CA ALA A 45 -11.38 -2.96 -28.64
C ALA A 45 -9.93 -2.50 -28.79
N VAL A 46 -8.95 -3.23 -28.27
CA VAL A 46 -7.54 -2.74 -28.27
C VAL A 46 -6.85 -3.33 -29.50
N ARG A 47 -6.09 -2.50 -30.20
CA ARG A 47 -5.23 -2.91 -31.35
C ARG A 47 -3.78 -3.01 -30.86
N LEU A 48 -3.03 -3.95 -31.42
CA LEU A 48 -1.57 -4.08 -31.20
C LEU A 48 -0.89 -2.72 -31.38
N GLU A 49 -1.21 -1.95 -32.44
CA GLU A 49 -0.54 -0.63 -32.62
C GLU A 49 -0.93 0.34 -31.51
N ASP A 50 -2.11 0.24 -30.89
CA ASP A 50 -2.44 1.07 -29.69
C ASP A 50 -1.45 0.76 -28.56
N ILE A 51 -1.10 -0.53 -28.40
CA ILE A 51 -0.15 -1.02 -27.35
C ILE A 51 1.25 -0.47 -27.70
N GLY A 52 1.69 -0.67 -28.94
CA GLY A 52 2.87 -0.02 -29.52
C GLY A 52 2.91 1.47 -29.24
N ALA A 53 1.85 2.20 -29.62
CA ALA A 53 1.71 3.66 -29.40
C ALA A 53 2.01 3.99 -27.94
N ALA A 54 1.25 3.42 -27.01
CA ALA A 54 1.36 3.69 -25.56
C ALA A 54 2.77 3.35 -25.04
N ALA A 55 3.40 2.30 -25.57
CA ALA A 55 4.74 1.82 -25.14
C ALA A 55 5.83 2.74 -25.71
N GLY A 56 5.56 3.42 -26.81
CA GLY A 56 6.52 4.24 -27.56
C GLY A 56 7.32 3.39 -28.52
N VAL A 57 6.70 2.36 -29.09
CA VAL A 57 7.29 1.43 -30.10
C VAL A 57 6.56 1.64 -31.42
N SER A 58 7.29 1.94 -32.50
CA SER A 58 6.78 2.11 -33.87
C SER A 58 6.08 0.83 -34.31
N GLY A 59 5.10 0.96 -35.21
CA GLY A 59 4.26 -0.14 -35.69
C GLY A 59 5.04 -1.40 -36.06
N PRO A 60 6.00 -1.33 -37.02
CA PRO A 60 6.68 -2.54 -37.50
C PRO A 60 7.63 -3.12 -36.43
N ALA A 61 8.17 -2.28 -35.53
CA ALA A 61 9.05 -2.69 -34.41
C ALA A 61 8.31 -3.60 -33.42
N ILE A 62 6.98 -3.45 -33.27
CA ILE A 62 6.14 -4.26 -32.34
C ILE A 62 6.29 -5.73 -32.69
N TYR A 63 6.31 -6.07 -33.98
CA TYR A 63 6.20 -7.45 -34.50
C TYR A 63 7.54 -8.19 -34.33
N ARG A 64 8.60 -7.48 -33.97
CA ARG A 64 9.89 -8.09 -33.56
C ARG A 64 9.72 -8.70 -32.17
N HIS A 65 8.73 -8.24 -31.38
CA HIS A 65 8.53 -8.61 -29.96
C HIS A 65 7.32 -9.55 -29.79
N PHE A 66 6.19 -9.25 -30.44
CA PHE A 66 4.94 -10.05 -30.37
C PHE A 66 4.29 -10.13 -31.75
N PRO A 67 3.89 -11.34 -32.20
CA PRO A 67 3.21 -11.49 -33.48
C PRO A 67 1.77 -10.95 -33.55
N ASN A 68 1.06 -10.84 -32.41
CA ASN A 68 -0.38 -10.48 -32.40
C ASN A 68 -0.80 -10.10 -30.96
N LYS A 69 -2.05 -9.67 -30.80
CA LYS A 69 -2.65 -9.28 -29.50
C LYS A 69 -2.70 -10.50 -28.58
N GLU A 70 -3.15 -11.62 -29.14
CA GLU A 70 -3.40 -12.90 -28.45
C GLU A 70 -2.15 -13.32 -27.67
N SER A 71 -0.96 -13.15 -28.27
CA SER A 71 0.34 -13.55 -27.68
C SER A 71 0.59 -12.72 -26.43
N LEU A 72 0.20 -11.43 -26.43
CA LEU A 72 0.32 -10.58 -25.23
C LEU A 72 -0.65 -11.08 -24.14
N LEU A 73 -1.89 -11.38 -24.49
CA LEU A 73 -2.92 -11.83 -23.51
C LEU A 73 -2.44 -13.13 -22.87
N VAL A 74 -1.93 -14.05 -23.68
CA VAL A 74 -1.39 -15.37 -23.23
C VAL A 74 -0.28 -15.14 -22.21
N GLU A 75 0.71 -14.30 -22.54
CA GLU A 75 1.84 -14.00 -21.64
C GLU A 75 1.30 -13.40 -20.33
N LEU A 76 0.37 -12.44 -20.41
CA LEU A 76 -0.16 -11.72 -19.23
C LEU A 76 -0.86 -12.73 -18.30
N LEU A 77 -1.73 -13.59 -18.83
CA LEU A 77 -2.65 -14.42 -18.01
C LEU A 77 -1.99 -15.74 -17.62
N VAL A 78 -1.26 -16.39 -18.54
CA VAL A 78 -0.51 -17.62 -18.19
C VAL A 78 0.52 -17.23 -17.14
N GLY A 79 1.15 -16.05 -17.35
CA GLY A 79 2.17 -15.49 -16.45
C GLY A 79 1.63 -15.30 -15.04
N VAL A 80 0.63 -14.45 -14.88
CA VAL A 80 0.10 -14.05 -13.54
C VAL A 80 -0.40 -15.31 -12.82
N SER A 81 -1.12 -16.20 -13.48
CA SER A 81 -1.75 -17.39 -12.85
C SER A 81 -0.64 -18.35 -12.38
N ALA A 82 0.40 -18.58 -13.18
CA ALA A 82 1.54 -19.43 -12.77
C ALA A 82 2.30 -18.78 -11.61
N ARG A 83 2.50 -17.47 -11.63
CA ARG A 83 3.28 -16.78 -10.59
C ARG A 83 2.50 -16.74 -9.26
N LEU A 84 1.19 -16.57 -9.29
CA LEU A 84 0.38 -16.59 -8.04
C LEU A 84 0.48 -17.97 -7.40
N LEU A 85 0.36 -19.03 -8.18
CA LEU A 85 0.45 -20.42 -7.65
C LEU A 85 1.86 -20.62 -7.05
N ALA A 86 2.92 -20.25 -7.77
CA ALA A 86 4.31 -20.42 -7.30
C ALA A 86 4.54 -19.62 -6.02
N GLY A 87 4.03 -18.40 -5.96
CA GLY A 87 4.11 -17.52 -4.78
C GLY A 87 3.41 -18.11 -3.59
N ALA A 88 2.21 -18.66 -3.78
CA ALA A 88 1.43 -19.25 -2.67
C ALA A 88 2.22 -20.47 -2.14
N ARG A 89 2.74 -21.31 -3.03
CA ARG A 89 3.56 -22.49 -2.61
C ARG A 89 4.78 -22.01 -1.82
N ASP A 90 5.47 -20.98 -2.29
CA ASP A 90 6.66 -20.41 -1.61
C ASP A 90 6.27 -19.95 -0.22
N VAL A 91 5.12 -19.27 -0.08
CA VAL A 91 4.66 -18.75 1.22
C VAL A 91 4.48 -19.94 2.18
N THR A 92 3.87 -21.02 1.72
CA THR A 92 3.53 -22.12 2.64
C THR A 92 4.81 -22.89 2.99
N THR A 93 5.74 -23.00 2.05
CA THR A 93 7.06 -23.68 2.24
C THR A 93 7.86 -22.94 3.31
N ARG A 94 7.84 -21.61 3.32
CA ARG A 94 8.74 -20.80 4.18
C ARG A 94 8.09 -20.55 5.55
N SER A 95 6.85 -20.97 5.74
CA SER A 95 6.06 -20.65 6.95
C SER A 95 6.47 -21.61 8.08
N ALA A 96 6.67 -21.07 9.28
CA ALA A 96 7.17 -21.77 10.48
C ALA A 96 6.04 -22.63 11.07
N ASN A 97 4.78 -22.24 10.90
CA ASN A 97 3.60 -23.00 11.38
C ASN A 97 2.40 -22.67 10.48
N LEU A 98 1.28 -23.37 10.67
CA LEU A 98 0.06 -23.27 9.82
C LEU A 98 -0.60 -21.91 9.97
N ALA A 99 -0.63 -21.36 11.18
CA ALA A 99 -1.20 -20.01 11.43
C ALA A 99 -0.40 -18.96 10.64
N ALA A 100 0.92 -19.03 10.62
CA ALA A 100 1.80 -18.14 9.83
C ALA A 100 1.58 -18.38 8.32
N ALA A 101 1.31 -19.62 7.90
CA ALA A 101 1.04 -19.94 6.47
C ALA A 101 -0.26 -19.19 6.04
N LEU A 102 -1.33 -19.27 6.81
CA LEU A 102 -2.61 -18.62 6.43
C LEU A 102 -2.40 -17.09 6.43
N ASP A 103 -1.71 -16.54 7.43
CA ASP A 103 -1.42 -15.09 7.51
C ASP A 103 -0.63 -14.67 6.27
N GLY A 104 0.37 -15.45 5.89
CA GLY A 104 1.18 -15.19 4.68
C GLY A 104 0.34 -15.23 3.41
N LEU A 105 -0.56 -16.20 3.28
CA LEU A 105 -1.44 -16.30 2.09
C LEU A 105 -2.34 -15.06 2.00
N ILE A 106 -2.88 -14.60 3.12
CA ILE A 106 -3.75 -13.39 3.17
C ILE A 106 -2.93 -12.17 2.70
N GLU A 107 -1.72 -12.00 3.24
CA GLU A 107 -0.84 -10.85 2.96
C GLU A 107 -0.45 -10.87 1.47
N PHE A 108 -0.14 -12.06 0.96
CA PHE A 108 0.25 -12.29 -0.44
C PHE A 108 -0.92 -11.89 -1.37
N HIS A 109 -2.12 -12.38 -1.11
CA HIS A 109 -3.29 -12.12 -1.99
C HIS A 109 -3.69 -10.64 -1.91
N LEU A 110 -3.61 -10.05 -0.72
CA LEU A 110 -3.87 -8.62 -0.50
C LEU A 110 -2.92 -7.76 -1.38
N ASP A 111 -1.62 -8.07 -1.35
CA ASP A 111 -0.61 -7.30 -2.12
C ASP A 111 -0.93 -7.45 -3.61
N PHE A 112 -1.29 -8.64 -4.03
CA PHE A 112 -1.69 -8.91 -5.42
C PHE A 112 -2.90 -8.04 -5.81
N ALA A 113 -3.98 -8.09 -5.03
CA ALA A 113 -5.24 -7.39 -5.35
C ALA A 113 -5.03 -5.87 -5.39
N LEU A 114 -4.21 -5.31 -4.51
CA LEU A 114 -3.96 -3.84 -4.49
C LEU A 114 -3.00 -3.42 -5.62
N GLY A 115 -2.04 -4.26 -5.95
CA GLY A 115 -0.96 -3.90 -6.89
C GLY A 115 -1.28 -4.29 -8.34
N GLU A 116 -2.19 -5.24 -8.55
CA GLU A 116 -2.41 -5.80 -9.91
C GLU A 116 -3.89 -5.87 -10.25
N ALA A 117 -4.66 -4.84 -9.89
CA ALA A 117 -6.11 -4.77 -10.14
C ALA A 117 -6.39 -4.93 -11.64
N ASP A 118 -5.53 -4.39 -12.50
CA ASP A 118 -5.65 -4.53 -13.98
C ASP A 118 -5.66 -6.01 -14.40
N LEU A 119 -4.73 -6.81 -13.91
CA LEU A 119 -4.64 -8.26 -14.27
C LEU A 119 -5.85 -9.02 -13.72
N ILE A 120 -6.37 -8.65 -12.55
CA ILE A 120 -7.63 -9.25 -12.03
C ILE A 120 -8.77 -9.00 -13.04
N ARG A 121 -8.95 -7.76 -13.47
CA ARG A 121 -10.04 -7.35 -14.37
C ARG A 121 -9.93 -8.12 -15.68
N ILE A 122 -8.71 -8.21 -16.23
CA ILE A 122 -8.46 -8.91 -17.52
C ILE A 122 -8.76 -10.41 -17.35
N GLN A 123 -8.22 -11.05 -16.32
CA GLN A 123 -8.32 -12.53 -16.11
C GLN A 123 -9.79 -12.93 -15.89
N ASP A 124 -10.61 -12.01 -15.38
CA ASP A 124 -12.07 -12.22 -15.15
C ASP A 124 -12.80 -12.12 -16.49
N ARG A 125 -12.58 -11.02 -17.20
CA ARG A 125 -13.44 -10.55 -18.32
C ARG A 125 -12.95 -11.08 -19.68
N ASP A 126 -11.69 -11.55 -19.83
CA ASP A 126 -11.10 -11.83 -21.16
C ASP A 126 -10.49 -13.24 -21.24
N LEU A 127 -10.76 -14.12 -20.27
CA LEU A 127 -10.26 -15.51 -20.26
C LEU A 127 -10.68 -16.27 -21.54
N ALA A 128 -11.88 -16.02 -22.05
CA ALA A 128 -12.47 -16.70 -23.23
C ALA A 128 -11.71 -16.34 -24.51
N HIS A 129 -10.95 -15.23 -24.53
CA HIS A 129 -10.18 -14.77 -25.71
C HIS A 129 -8.82 -15.48 -25.79
N LEU A 130 -8.49 -16.36 -24.86
CA LEU A 130 -7.20 -17.10 -24.91
C LEU A 130 -7.37 -18.25 -25.90
N PRO A 131 -6.30 -18.67 -26.60
CA PRO A 131 -6.27 -19.99 -27.24
C PRO A 131 -6.56 -21.10 -26.20
N ALA A 132 -7.26 -22.15 -26.62
CA ALA A 132 -7.80 -23.22 -25.76
C ALA A 132 -6.71 -23.77 -24.83
N VAL A 133 -5.49 -23.98 -25.33
CA VAL A 133 -4.34 -24.53 -24.56
C VAL A 133 -4.00 -23.57 -23.40
N ALA A 134 -3.88 -22.27 -23.67
CA ALA A 134 -3.58 -21.22 -22.66
C ALA A 134 -4.72 -21.15 -21.62
N GLU A 135 -5.97 -21.22 -22.07
CA GLU A 135 -7.17 -21.19 -21.19
C GLU A 135 -7.09 -22.36 -20.18
N ARG A 136 -6.70 -23.56 -20.63
CA ARG A 136 -6.61 -24.77 -19.77
C ARG A 136 -5.49 -24.59 -18.75
N GLN A 137 -4.39 -23.98 -19.19
CA GLN A 137 -3.19 -23.69 -18.34
C GLN A 137 -3.62 -22.74 -17.22
N VAL A 138 -4.35 -21.68 -17.57
CA VAL A 138 -4.79 -20.63 -16.61
C VAL A 138 -5.78 -21.27 -15.61
N ARG A 139 -6.72 -22.06 -16.09
CA ARG A 139 -7.78 -22.65 -15.22
C ARG A 139 -7.15 -23.70 -14.30
N LYS A 140 -6.12 -24.41 -14.78
CA LYS A 140 -5.40 -25.39 -13.94
C LYS A 140 -4.66 -24.65 -12.81
N ALA A 141 -3.94 -23.58 -13.12
CA ALA A 141 -3.13 -22.80 -12.15
C ALA A 141 -4.05 -22.14 -11.11
N GLN A 142 -5.24 -21.69 -11.53
CA GLN A 142 -6.28 -21.12 -10.65
C GLN A 142 -6.77 -22.18 -9.68
N ARG A 143 -7.13 -23.36 -10.21
CA ARG A 143 -7.63 -24.47 -9.38
C ARG A 143 -6.56 -24.82 -8.33
N GLN A 144 -5.29 -24.91 -8.74
CA GLN A 144 -4.21 -25.34 -7.83
C GLN A 144 -3.98 -24.25 -6.76
N TYR A 145 -4.14 -22.97 -7.14
CA TYR A 145 -4.00 -21.85 -6.17
C TYR A 145 -5.07 -22.00 -5.06
N VAL A 146 -6.31 -22.26 -5.45
CA VAL A 146 -7.45 -22.49 -4.53
C VAL A 146 -7.09 -23.68 -3.62
N GLU A 147 -6.53 -24.76 -4.17
CA GLU A 147 -6.16 -25.97 -3.40
C GLU A 147 -5.10 -25.64 -2.34
N VAL A 148 -4.18 -24.74 -2.60
CA VAL A 148 -3.21 -24.34 -1.56
C VAL A 148 -3.97 -23.75 -0.37
N TRP A 149 -4.88 -22.80 -0.61
CA TRP A 149 -5.72 -22.20 0.46
C TRP A 149 -6.54 -23.28 1.15
N VAL A 150 -7.23 -24.10 0.37
CA VAL A 150 -8.12 -25.14 0.97
C VAL A 150 -7.28 -26.06 1.89
N GLY A 151 -6.09 -26.48 1.45
CA GLY A 151 -5.22 -27.36 2.23
C GLY A 151 -4.86 -26.74 3.56
N VAL A 152 -4.50 -25.47 3.55
CA VAL A 152 -4.07 -24.77 4.79
C VAL A 152 -5.29 -24.61 5.71
N LEU A 153 -6.44 -24.22 5.16
CA LEU A 153 -7.67 -24.01 5.98
C LEU A 153 -8.08 -25.31 6.69
N ARG A 154 -8.03 -26.44 5.98
CA ARG A 154 -8.46 -27.75 6.55
C ARG A 154 -7.46 -28.22 7.61
N GLU A 155 -6.16 -27.98 7.42
CA GLU A 155 -5.09 -28.37 8.37
C GLU A 155 -5.28 -27.57 9.66
N LEU A 156 -5.66 -26.30 9.53
CA LEU A 156 -5.90 -25.40 10.68
C LEU A 156 -7.17 -25.77 11.42
N ASN A 157 -8.19 -26.26 10.71
CA ASN A 157 -9.53 -26.56 11.29
C ASN A 157 -9.88 -28.00 10.97
N PRO A 158 -9.36 -28.97 11.73
CA PRO A 158 -9.66 -30.39 11.47
C PRO A 158 -11.14 -30.75 11.28
N GLY A 159 -12.11 -29.98 11.81
CA GLY A 159 -13.54 -30.21 11.52
C GLY A 159 -13.99 -29.82 10.10
N LEU A 160 -13.18 -29.05 9.38
CA LEU A 160 -13.63 -28.36 8.14
C LEU A 160 -13.77 -29.38 7.01
N ALA A 161 -14.97 -29.49 6.45
CA ALA A 161 -15.26 -30.20 5.19
C ALA A 161 -14.59 -29.46 4.03
N GLU A 162 -14.22 -30.21 2.99
CA GLU A 162 -13.71 -29.70 1.69
C GLU A 162 -14.64 -28.59 1.14
N ALA A 163 -15.93 -28.87 1.04
CA ALA A 163 -16.95 -27.97 0.44
C ALA A 163 -16.99 -26.63 1.21
N ASP A 164 -16.90 -26.66 2.53
CA ASP A 164 -16.92 -25.45 3.37
C ASP A 164 -15.62 -24.65 3.17
N ALA A 165 -14.47 -25.32 3.18
CA ALA A 165 -13.15 -24.69 2.95
C ALA A 165 -13.15 -23.99 1.57
N ARG A 166 -13.67 -24.63 0.52
CA ARG A 166 -13.79 -24.05 -0.83
C ARG A 166 -14.67 -22.81 -0.82
N LEU A 167 -15.83 -22.88 -0.18
CA LEU A 167 -16.75 -21.73 -0.06
C LEU A 167 -16.01 -20.56 0.60
N MET A 168 -15.28 -20.81 1.67
CA MET A 168 -14.56 -19.74 2.43
C MET A 168 -13.45 -19.13 1.56
N ALA A 169 -12.68 -19.97 0.86
CA ALA A 169 -11.54 -19.52 0.04
C ALA A 169 -12.10 -18.64 -1.09
N HIS A 170 -13.08 -19.14 -1.85
CA HIS A 170 -13.70 -18.35 -2.93
C HIS A 170 -14.30 -17.04 -2.40
N ALA A 171 -14.86 -17.03 -1.19
CA ALA A 171 -15.43 -15.80 -0.60
C ALA A 171 -14.33 -14.78 -0.37
N VAL A 172 -13.19 -15.23 0.15
CA VAL A 172 -12.02 -14.35 0.42
C VAL A 172 -11.48 -13.81 -0.92
N PHE A 173 -11.34 -14.64 -1.96
CA PHE A 173 -10.86 -14.16 -3.27
C PHE A 173 -11.84 -13.13 -3.81
N GLY A 174 -13.15 -13.37 -3.67
CA GLY A 174 -14.17 -12.43 -4.14
C GLY A 174 -14.04 -11.07 -3.44
N LEU A 175 -13.89 -11.12 -2.12
CA LEU A 175 -13.71 -9.90 -1.26
C LEU A 175 -12.48 -9.11 -1.75
N LEU A 176 -11.33 -9.78 -1.84
CA LEU A 176 -10.05 -9.14 -2.16
C LEU A 176 -10.04 -8.73 -3.62
N ASN A 177 -10.62 -9.52 -4.52
CA ASN A 177 -10.53 -9.25 -5.97
C ASN A 177 -11.54 -8.15 -6.37
N SER A 178 -12.19 -7.49 -5.41
CA SER A 178 -13.12 -6.36 -5.70
C SER A 178 -12.36 -5.08 -6.05
N THR A 179 -11.03 -5.06 -5.88
CA THR A 179 -10.20 -3.82 -6.01
C THR A 179 -10.36 -3.11 -7.37
N PRO A 180 -10.53 -3.79 -8.53
CA PRO A 180 -10.77 -3.07 -9.79
C PRO A 180 -12.02 -2.17 -9.73
N HIS A 181 -13.05 -2.54 -8.95
CA HIS A 181 -14.32 -1.76 -8.85
C HIS A 181 -14.13 -0.59 -7.90
N SER A 182 -13.33 -0.76 -6.87
CA SER A 182 -13.24 0.22 -5.76
C SER A 182 -12.01 1.13 -5.90
N MET A 183 -10.98 0.76 -6.68
CA MET A 183 -9.67 1.45 -6.66
C MET A 183 -9.30 1.94 -8.07
N LYS A 184 -9.64 3.19 -8.42
CA LYS A 184 -9.23 3.86 -9.69
C LYS A 184 -7.97 4.72 -9.49
N ALA A 185 -7.53 5.44 -10.53
CA ALA A 185 -6.45 6.47 -10.54
C ALA A 185 -6.41 7.28 -9.24
N ALA A 186 -7.59 7.69 -8.73
CA ALA A 186 -7.79 8.37 -7.43
C ALA A 186 -6.89 7.79 -6.32
N ASP A 187 -7.05 6.49 -6.03
CA ASP A 187 -6.51 5.81 -4.82
C ASP A 187 -5.11 5.23 -5.07
N SER A 188 -4.38 5.79 -6.05
CA SER A 188 -2.96 5.53 -6.32
C SER A 188 -2.06 6.33 -5.37
N LYS A 189 -2.66 7.18 -4.53
CA LYS A 189 -1.94 7.86 -3.42
C LYS A 189 -1.54 6.81 -2.39
N PRO A 190 -0.26 6.74 -1.93
CA PRO A 190 0.13 5.78 -0.91
C PRO A 190 -0.78 5.74 0.32
N ALA A 191 -1.26 6.87 0.82
CA ALA A 191 -2.19 6.88 1.98
C ALA A 191 -3.50 6.10 1.67
N ARG A 192 -4.00 6.20 0.44
CA ARG A 192 -5.22 5.46 0.01
C ARG A 192 -4.93 3.96 -0.06
N THR A 193 -3.80 3.58 -0.64
CA THR A 193 -3.36 2.18 -0.74
C THR A 193 -3.28 1.53 0.64
N VAL A 194 -2.60 2.17 1.61
CA VAL A 194 -2.42 1.50 2.93
C VAL A 194 -3.74 1.49 3.68
N ARG A 195 -4.60 2.47 3.54
CA ARG A 195 -5.92 2.47 4.21
C ARG A 195 -6.75 1.33 3.59
N ALA A 196 -6.83 1.23 2.26
CA ALA A 196 -7.59 0.14 1.60
C ALA A 196 -7.03 -1.22 2.06
N ARG A 197 -5.71 -1.38 2.06
CA ARG A 197 -5.08 -2.63 2.53
C ARG A 197 -5.55 -2.94 3.93
N ALA A 198 -5.54 -1.99 4.86
CA ALA A 198 -5.89 -2.26 6.27
C ALA A 198 -7.35 -2.68 6.37
N VAL A 199 -8.25 -1.98 5.68
CA VAL A 199 -9.70 -2.26 5.72
C VAL A 199 -9.96 -3.65 5.09
N LEU A 200 -9.40 -3.95 3.92
CA LEU A 200 -9.58 -5.27 3.28
C LEU A 200 -8.98 -6.40 4.15
N ARG A 201 -7.83 -6.18 4.77
CA ARG A 201 -7.23 -7.21 5.66
C ARG A 201 -8.18 -7.48 6.85
N ALA A 202 -8.67 -6.43 7.51
CA ALA A 202 -9.58 -6.55 8.68
C ALA A 202 -10.86 -7.30 8.25
N MET A 203 -11.43 -6.95 7.10
CA MET A 203 -12.64 -7.62 6.55
C MET A 203 -12.35 -9.11 6.35
N THR A 204 -11.20 -9.45 5.77
CA THR A 204 -10.81 -10.83 5.42
C THR A 204 -10.62 -11.65 6.69
N VAL A 205 -9.86 -11.12 7.65
CA VAL A 205 -9.53 -11.85 8.90
C VAL A 205 -10.84 -12.07 9.69
N ALA A 206 -11.70 -11.06 9.81
CA ALA A 206 -13.02 -11.19 10.48
C ALA A 206 -13.90 -12.19 9.71
N ALA A 207 -13.95 -12.16 8.38
CA ALA A 207 -14.78 -13.10 7.58
C ALA A 207 -14.33 -14.54 7.85
N LEU A 208 -13.02 -14.82 7.85
CA LEU A 208 -12.52 -16.20 8.08
C LEU A 208 -12.78 -16.63 9.54
N SER A 209 -12.75 -15.71 10.52
CA SER A 209 -13.02 -16.04 11.95
C SER A 209 -14.49 -16.41 12.11
N ALA A 210 -15.40 -15.65 11.48
CA ALA A 210 -16.84 -15.86 11.59
C ALA A 210 -17.21 -17.21 10.95
N ALA A 211 -16.65 -17.49 9.76
CA ALA A 211 -16.88 -18.78 9.06
C ALA A 211 -16.48 -19.91 10.02
N ASP A 212 -15.32 -19.76 10.67
CA ASP A 212 -14.70 -20.79 11.55
C ASP A 212 -15.63 -21.06 12.74
N ARG A 213 -16.16 -20.02 13.38
CA ARG A 213 -17.05 -20.13 14.58
C ARG A 213 -18.48 -20.51 14.20
N CYS A 214 -18.77 -20.77 12.92
CA CYS A 214 -20.13 -21.06 12.37
C CYS A 214 -20.16 -22.50 11.85
N LEU A 215 -19.08 -23.26 12.08
CA LEU A 215 -18.85 -24.65 11.57
C LEU A 215 -17.88 -25.38 12.52
N SER B 24 -17.18 24.38 1.79
CA SER B 24 -17.30 24.43 3.28
C SER B 24 -16.05 23.80 3.91
N ASP B 25 -15.66 22.60 3.45
CA ASP B 25 -14.48 21.87 3.99
C ASP B 25 -13.18 22.49 3.46
N ARG B 26 -13.07 23.80 3.61
CA ARG B 26 -11.94 24.62 3.11
C ARG B 26 -10.79 24.50 4.08
N ARG B 27 -11.07 24.27 5.37
CA ARG B 27 -10.06 24.13 6.44
C ARG B 27 -9.14 22.94 6.10
N PHE B 28 -9.73 21.81 5.69
CA PHE B 28 -8.99 20.58 5.31
C PHE B 28 -8.17 20.81 4.04
N GLN B 29 -8.72 21.56 3.09
CA GLN B 29 -8.07 21.84 1.77
C GLN B 29 -6.81 22.69 2.02
N LEU B 30 -6.91 23.69 2.87
CA LEU B 30 -5.77 24.56 3.27
C LEU B 30 -4.68 23.74 4.00
N LEU B 31 -5.06 22.81 4.87
CA LEU B 31 -4.06 22.01 5.65
C LEU B 31 -3.34 21.08 4.70
N ALA B 32 -4.06 20.41 3.80
CA ALA B 32 -3.50 19.47 2.81
C ALA B 32 -2.55 20.20 1.84
N ALA B 33 -2.91 21.40 1.39
CA ALA B 33 -2.03 22.24 0.54
C ALA B 33 -0.79 22.64 1.33
N ALA B 34 -0.95 23.15 2.56
CA ALA B 34 0.17 23.54 3.46
C ALA B 34 1.13 22.36 3.62
N GLU B 35 0.58 21.17 3.85
CA GLU B 35 1.38 19.94 4.05
C GLU B 35 2.23 19.69 2.80
N ARG B 36 1.61 19.69 1.62
CA ARG B 36 2.30 19.43 0.33
C ARG B 36 3.40 20.49 0.09
N LEU B 37 3.09 21.78 0.31
CA LEU B 37 3.99 22.91 -0.06
C LEU B 37 5.13 23.05 0.96
N PHE B 38 4.85 22.92 2.25
CA PHE B 38 5.89 22.92 3.33
C PHE B 38 6.89 21.78 3.09
N ALA B 39 6.42 20.58 2.68
CA ALA B 39 7.27 19.40 2.38
C ALA B 39 8.16 19.69 1.18
N GLU B 40 7.56 20.17 0.08
CA GLU B 40 8.25 20.44 -1.22
C GLU B 40 9.26 21.59 -1.07
N ARG B 41 8.84 22.73 -0.52
CA ARG B 41 9.58 24.02 -0.64
C ARG B 41 10.21 24.43 0.69
N GLY B 42 9.75 23.84 1.81
CA GLY B 42 10.14 24.28 3.16
C GLY B 42 9.23 25.39 3.65
N PHE B 43 9.10 25.53 4.96
CA PHE B 43 8.18 26.45 5.64
C PHE B 43 8.50 27.90 5.21
N LEU B 44 9.77 28.34 5.30
CA LEU B 44 10.18 29.76 5.10
C LEU B 44 9.83 30.26 3.68
N ALA B 45 10.04 29.44 2.64
CA ALA B 45 9.82 29.83 1.23
C ALA B 45 8.32 29.92 0.90
N VAL B 46 7.45 29.34 1.72
CA VAL B 46 6.01 29.22 1.36
C VAL B 46 5.28 30.42 1.97
N ARG B 47 4.40 31.05 1.18
CA ARG B 47 3.49 32.14 1.62
C ARG B 47 2.11 31.54 1.86
N LEU B 48 1.38 32.08 2.83
CA LEU B 48 -0.05 31.78 3.07
C LEU B 48 -0.83 31.83 1.76
N GLU B 49 -0.65 32.88 0.94
CA GLU B 49 -1.45 32.97 -0.33
C GLU B 49 -1.06 31.84 -1.29
N ASP B 50 0.18 31.31 -1.25
CA ASP B 50 0.53 30.12 -2.07
C ASP B 50 -0.35 28.93 -1.64
N ILE B 51 -0.58 28.78 -0.32
CA ILE B 51 -1.41 27.69 0.26
C ILE B 51 -2.87 27.91 -0.18
N GLY B 52 -3.38 29.13 0.02
CA GLY B 52 -4.67 29.58 -0.56
C GLY B 52 -4.78 29.24 -2.04
N ALA B 53 -3.81 29.67 -2.86
CA ALA B 53 -3.76 29.40 -4.31
C ALA B 53 -3.96 27.90 -4.58
N ALA B 54 -3.08 27.06 -4.03
CA ALA B 54 -3.10 25.59 -4.23
C ALA B 54 -4.44 24.98 -3.76
N ALA B 55 -5.04 25.53 -2.70
CA ALA B 55 -6.28 24.98 -2.10
C ALA B 55 -7.50 25.45 -2.92
N GLY B 56 -7.36 26.55 -3.66
CA GLY B 56 -8.45 27.17 -4.44
C GLY B 56 -9.26 28.10 -3.57
N VAL B 57 -8.60 28.78 -2.63
CA VAL B 57 -9.20 29.77 -1.70
C VAL B 57 -8.58 31.13 -2.02
N SER B 58 -9.40 32.15 -2.30
CA SER B 58 -8.98 33.55 -2.56
C SER B 58 -8.24 34.08 -1.34
N GLY B 59 -7.32 35.02 -1.55
CA GLY B 59 -6.45 35.60 -0.53
C GLY B 59 -7.19 35.98 0.75
N PRO B 60 -8.20 36.86 0.71
CA PRO B 60 -8.84 37.33 1.95
C PRO B 60 -9.67 36.23 2.64
N ALA B 61 -10.20 35.26 1.87
CA ALA B 61 -10.97 34.10 2.38
C ALA B 61 -10.10 33.20 3.28
N ILE B 62 -8.78 33.14 3.02
CA ILE B 62 -7.81 32.31 3.81
C ILE B 62 -7.89 32.70 5.29
N TYR B 63 -7.99 34.00 5.56
CA TYR B 63 -7.83 34.58 6.92
C TYR B 63 -9.08 34.34 7.79
N ARG B 64 -10.17 33.88 7.17
CA ARG B 64 -11.37 33.39 7.90
C ARG B 64 -11.03 32.03 8.57
N HIS B 65 -10.03 31.32 8.05
CA HIS B 65 -9.68 29.92 8.47
C HIS B 65 -8.39 29.89 9.29
N PHE B 66 -7.34 30.59 8.86
CA PHE B 66 -6.04 30.66 9.54
C PHE B 66 -5.50 32.09 9.53
N PRO B 67 -5.03 32.62 10.68
CA PRO B 67 -4.45 33.96 10.73
C PRO B 67 -3.07 34.12 10.05
N ASN B 68 -2.29 33.06 9.92
CA ASN B 68 -0.88 33.13 9.42
C ASN B 68 -0.38 31.72 9.04
N LYS B 69 0.84 31.64 8.51
CA LYS B 69 1.52 30.38 8.12
C LYS B 69 1.73 29.52 9.35
N GLU B 70 2.24 30.15 10.41
CA GLU B 70 2.63 29.54 11.71
C GLU B 70 1.48 28.68 12.23
N SER B 71 0.24 29.17 12.14
CA SER B 71 -0.96 28.48 12.67
C SER B 71 -1.19 27.18 11.89
N LEU B 72 -0.91 27.17 10.59
CA LEU B 72 -1.00 25.93 9.79
C LEU B 72 0.10 24.94 10.23
N LEU B 73 1.33 25.40 10.43
CA LEU B 73 2.46 24.52 10.83
C LEU B 73 2.14 23.91 12.19
N VAL B 74 1.63 24.72 13.11
CA VAL B 74 1.22 24.29 14.49
C VAL B 74 0.19 23.17 14.35
N GLU B 75 -0.87 23.38 13.59
CA GLU B 75 -1.94 22.38 13.43
C GLU B 75 -1.38 21.09 12.82
N LEU B 76 -0.52 21.19 11.81
CA LEU B 76 0.06 20.02 11.12
C LEU B 76 0.89 19.21 12.12
N LEU B 77 1.77 19.84 12.90
CA LEU B 77 2.79 19.14 13.71
C LEU B 77 2.24 18.78 15.09
N VAL B 78 1.49 19.67 15.73
CA VAL B 78 0.82 19.34 17.01
C VAL B 78 -0.18 18.22 16.71
N GLY B 79 -0.86 18.31 15.58
CA GLY B 79 -1.90 17.34 15.15
C GLY B 79 -1.30 15.96 14.93
N VAL B 80 -0.28 15.82 14.08
CA VAL B 80 0.31 14.50 13.76
C VAL B 80 0.91 13.88 15.03
N SER B 81 1.60 14.64 15.86
CA SER B 81 2.27 14.10 17.06
C SER B 81 1.21 13.64 18.07
N ALA B 82 0.13 14.38 18.25
CA ALA B 82 -0.97 13.96 19.15
C ALA B 82 -1.68 12.73 18.58
N ARG B 83 -1.90 12.64 17.27
CA ARG B 83 -2.64 11.51 16.67
C ARG B 83 -1.78 10.25 16.71
N LEU B 84 -0.48 10.35 16.53
CA LEU B 84 0.41 9.17 16.63
C LEU B 84 0.33 8.61 18.05
N LEU B 85 0.46 9.47 19.05
CA LEU B 85 0.36 9.02 20.47
C LEU B 85 -1.02 8.36 20.73
N ALA B 86 -2.11 9.00 20.31
CA ALA B 86 -3.48 8.48 20.52
C ALA B 86 -3.66 7.12 19.82
N GLY B 87 -3.15 7.00 18.61
CA GLY B 87 -3.20 5.76 17.81
C GLY B 87 -2.40 4.66 18.47
N ALA B 88 -1.23 4.96 18.99
CA ALA B 88 -0.39 3.95 19.69
C ALA B 88 -1.13 3.47 20.93
N ARG B 89 -1.71 4.38 21.72
CA ARG B 89 -2.52 4.00 22.91
C ARG B 89 -3.68 3.09 22.48
N ASP B 90 -4.39 3.46 21.43
CA ASP B 90 -5.57 2.69 20.97
C ASP B 90 -5.13 1.29 20.54
N VAL B 91 -4.00 1.20 19.85
CA VAL B 91 -3.45 -0.12 19.39
C VAL B 91 -3.21 -0.98 20.62
N THR B 92 -2.59 -0.44 21.66
CA THR B 92 -2.16 -1.30 22.79
C THR B 92 -3.40 -1.68 23.61
N THR B 93 -4.38 -0.78 23.72
CA THR B 93 -5.65 -1.00 24.45
C THR B 93 -6.41 -2.15 23.79
N ARG B 94 -6.44 -2.23 22.45
CA ARG B 94 -7.32 -3.19 21.73
C ARG B 94 -6.60 -4.53 21.55
N SER B 95 -5.33 -4.65 21.93
CA SER B 95 -4.49 -5.83 21.64
C SER B 95 -4.79 -6.94 22.66
N ALA B 96 -4.92 -8.17 22.19
CA ALA B 96 -5.28 -9.37 23.01
C ALA B 96 -4.07 -9.81 23.85
N ASN B 97 -2.85 -9.55 23.38
CA ASN B 97 -1.59 -9.90 24.07
C ASN B 97 -0.49 -8.92 23.61
N LEU B 98 0.67 -9.00 24.27
CA LEU B 98 1.83 -8.10 24.06
C LEU B 98 2.43 -8.28 22.66
N ALA B 99 2.48 -9.51 22.14
CA ALA B 99 3.01 -9.80 20.80
C ALA B 99 2.12 -9.10 19.74
N ALA B 100 0.80 -9.17 19.89
CA ALA B 100 -0.16 -8.48 18.99
C ALA B 100 -0.02 -6.96 19.14
N ALA B 101 0.26 -6.46 20.34
CA ALA B 101 0.45 -5.01 20.58
C ALA B 101 1.66 -4.51 19.78
N LEU B 102 2.80 -5.20 19.84
CA LEU B 102 4.02 -4.78 19.12
C LEU B 102 3.75 -4.84 17.61
N ASP B 103 3.12 -5.91 17.13
CA ASP B 103 2.78 -6.06 15.69
C ASP B 103 1.89 -4.91 15.25
N GLY B 104 0.90 -4.54 16.07
CA GLY B 104 0.00 -3.42 15.80
C GLY B 104 0.75 -2.10 15.73
N LEU B 105 1.69 -1.88 16.66
CA LEU B 105 2.48 -0.63 16.71
C LEU B 105 3.32 -0.53 15.41
N ILE B 106 3.93 -1.63 14.98
CA ILE B 106 4.75 -1.68 13.74
C ILE B 106 3.85 -1.31 12.55
N GLU B 107 2.68 -1.94 12.42
CA GLU B 107 1.74 -1.77 11.29
C GLU B 107 1.27 -0.32 11.28
N PHE B 108 0.95 0.22 12.47
CA PHE B 108 0.47 1.61 12.61
C PHE B 108 1.56 2.60 12.13
N HIS B 109 2.80 2.44 12.60
CA HIS B 109 3.87 3.38 12.24
C HIS B 109 4.23 3.24 10.75
N LEU B 110 4.23 2.02 10.22
CA LEU B 110 4.49 1.73 8.79
C LEU B 110 3.46 2.47 7.92
N ASP B 111 2.18 2.37 8.26
CA ASP B 111 1.10 3.00 7.46
C ASP B 111 1.28 4.51 7.53
N PHE B 112 1.67 5.04 8.68
CA PHE B 112 1.99 6.48 8.82
C PHE B 112 3.14 6.85 7.86
N ALA B 113 4.28 6.14 7.95
CA ALA B 113 5.49 6.51 7.20
C ALA B 113 5.23 6.41 5.68
N LEU B 114 4.47 5.44 5.21
CA LEU B 114 4.19 5.26 3.74
C LEU B 114 3.16 6.29 3.27
N GLY B 115 2.17 6.60 4.10
CA GLY B 115 1.04 7.45 3.70
C GLY B 115 1.28 8.93 3.97
N GLU B 116 2.20 9.27 4.88
CA GLU B 116 2.34 10.69 5.34
C GLU B 116 3.81 11.10 5.34
N ALA B 117 4.57 10.72 4.34
CA ALA B 117 6.02 11.06 4.24
C ALA B 117 6.21 12.58 4.25
N ASP B 118 5.27 13.37 3.73
CA ASP B 118 5.32 14.86 3.79
C ASP B 118 5.41 15.36 5.24
N LEU B 119 4.62 14.82 6.17
CA LEU B 119 4.68 15.25 7.60
C LEU B 119 6.02 14.86 8.24
N ILE B 120 6.60 13.75 7.84
CA ILE B 120 7.99 13.38 8.30
C ILE B 120 8.99 14.43 7.80
N ARG B 121 8.94 14.80 6.52
CA ARG B 121 9.88 15.78 5.89
C ARG B 121 9.75 17.12 6.63
N ILE B 122 8.53 17.55 6.94
CA ILE B 122 8.25 18.86 7.60
C ILE B 122 8.81 18.78 9.03
N GLN B 123 8.48 17.75 9.79
CA GLN B 123 8.86 17.62 11.23
C GLN B 123 10.38 17.52 11.37
N ASP B 124 11.08 17.02 10.34
CA ASP B 124 12.56 16.92 10.29
C ASP B 124 13.15 18.32 10.07
N ARG B 125 12.69 19.02 9.04
CA ARG B 125 13.35 20.25 8.56
C ARG B 125 12.82 21.51 9.28
N ASP B 126 11.63 21.53 9.90
CA ASP B 126 10.92 22.80 10.23
C ASP B 126 10.37 22.85 11.66
N LEU B 127 10.74 21.90 12.53
CA LEU B 127 10.28 21.89 13.96
C LEU B 127 10.63 23.22 14.66
N ALA B 128 11.78 23.82 14.34
CA ALA B 128 12.30 25.04 15.01
C ALA B 128 11.45 26.27 14.65
N HIS B 129 10.64 26.21 13.60
CA HIS B 129 9.76 27.33 13.16
C HIS B 129 8.45 27.33 13.93
N LEU B 130 8.23 26.39 14.85
CA LEU B 130 7.02 26.42 15.72
C LEU B 130 7.20 27.48 16.79
N PRO B 131 6.12 28.14 17.26
CA PRO B 131 6.16 28.85 18.53
C PRO B 131 6.57 27.89 19.67
N ALA B 132 7.31 28.40 20.65
CA ALA B 132 7.98 27.60 21.72
C ALA B 132 6.97 26.67 22.39
N VAL B 133 5.75 27.15 22.66
CA VAL B 133 4.67 26.37 23.34
C VAL B 133 4.31 25.14 22.49
N ALA B 134 4.10 25.32 21.19
CA ALA B 134 3.74 24.25 20.23
C ALA B 134 4.90 23.25 20.11
N GLU B 135 6.15 23.74 20.07
CA GLU B 135 7.37 22.91 20.03
C GLU B 135 7.42 21.98 21.26
N ARG B 136 7.09 22.49 22.45
CA ARG B 136 7.12 21.69 23.70
C ARG B 136 6.01 20.63 23.66
N GLN B 137 4.85 20.98 23.12
CA GLN B 137 3.71 20.06 22.92
C GLN B 137 4.11 18.91 21.99
N VAL B 138 4.79 19.23 20.89
CA VAL B 138 5.25 18.24 19.89
C VAL B 138 6.28 17.31 20.56
N ARG B 139 7.25 17.86 21.27
CA ARG B 139 8.32 17.06 21.90
C ARG B 139 7.74 16.19 23.03
N LYS B 140 6.74 16.68 23.73
CA LYS B 140 6.08 15.91 24.80
C LYS B 140 5.36 14.70 24.18
N ALA B 141 4.57 14.90 23.13
CA ALA B 141 3.79 13.85 22.45
C ALA B 141 4.75 12.81 21.80
N GLN B 142 5.90 13.26 21.27
CA GLN B 142 6.97 12.39 20.73
C GLN B 142 7.53 11.51 21.85
N ARG B 143 7.89 12.12 22.97
CA ARG B 143 8.48 11.40 24.12
C ARG B 143 7.48 10.33 24.57
N GLN B 144 6.18 10.67 24.67
CA GLN B 144 5.17 9.74 25.20
C GLN B 144 4.93 8.63 24.17
N TYR B 145 5.03 8.92 22.88
CA TYR B 145 4.91 7.89 21.82
C TYR B 145 6.04 6.86 21.97
N VAL B 146 7.27 7.32 22.15
CA VAL B 146 8.46 6.47 22.40
C VAL B 146 8.21 5.61 23.65
N GLU B 147 7.65 6.21 24.71
CA GLU B 147 7.38 5.49 25.98
C GLU B 147 6.38 4.35 25.74
N VAL B 148 5.39 4.53 24.88
CA VAL B 148 4.45 3.44 24.56
C VAL B 148 5.25 2.27 24.00
N TRP B 149 6.09 2.51 22.99
CA TRP B 149 6.92 1.45 22.37
C TRP B 149 7.82 0.82 23.42
N VAL B 150 8.51 1.66 24.18
CA VAL B 150 9.49 1.14 25.18
C VAL B 150 8.74 0.23 26.17
N GLY B 151 7.55 0.61 26.64
CA GLY B 151 6.79 -0.17 27.64
C GLY B 151 6.45 -1.54 27.09
N VAL B 152 6.01 -1.60 25.83
CA VAL B 152 5.62 -2.88 25.21
C VAL B 152 6.88 -3.74 25.00
N LEU B 153 8.00 -3.14 24.54
CA LEU B 153 9.25 -3.90 24.26
C LEU B 153 9.80 -4.51 25.55
N ARG B 154 9.80 -3.75 26.65
CA ARG B 154 10.32 -4.24 27.96
C ARG B 154 9.42 -5.35 28.51
N GLU B 155 8.11 -5.22 28.39
CA GLU B 155 7.13 -6.24 28.88
C GLU B 155 7.31 -7.54 28.08
N LEU B 156 7.57 -7.44 26.78
CA LEU B 156 7.79 -8.59 25.89
C LEU B 156 9.14 -9.24 26.17
N ASN B 157 10.16 -8.48 26.59
CA ASN B 157 11.54 -8.97 26.81
C ASN B 157 11.98 -8.68 28.24
N PRO B 158 11.50 -9.49 29.23
CA PRO B 158 11.80 -9.21 30.63
C PRO B 158 13.32 -9.13 30.89
N GLY B 159 13.68 -8.11 31.60
CA GLY B 159 15.11 -7.82 31.83
C GLY B 159 15.70 -6.93 30.77
N LEU B 160 14.99 -6.57 29.68
CA LEU B 160 15.52 -5.54 28.72
C LEU B 160 15.64 -4.20 29.44
N ALA B 161 16.81 -3.58 29.46
CA ALA B 161 17.04 -2.28 30.13
C ALA B 161 16.33 -1.17 29.35
N GLU B 162 15.88 -0.14 30.06
CA GLU B 162 15.28 1.11 29.52
C GLU B 162 16.18 1.68 28.41
N ALA B 163 17.47 1.89 28.67
CA ALA B 163 18.40 2.52 27.70
C ALA B 163 18.44 1.73 26.37
N ASP B 164 18.48 0.40 26.46
CA ASP B 164 18.52 -0.49 25.28
C ASP B 164 17.18 -0.41 24.52
N ALA B 165 16.06 -0.48 25.24
CA ALA B 165 14.71 -0.41 24.65
C ALA B 165 14.55 0.93 23.90
N ARG B 166 15.03 2.04 24.45
CA ARG B 166 14.98 3.38 23.83
C ARG B 166 15.81 3.41 22.54
N LEU B 167 17.01 2.87 22.60
CA LEU B 167 17.90 2.78 21.40
C LEU B 167 17.16 1.99 20.29
N MET B 168 16.52 0.87 20.65
CA MET B 168 15.82 0.01 19.67
C MET B 168 14.60 0.75 19.09
N ALA B 169 13.82 1.44 19.92
CA ALA B 169 12.60 2.17 19.49
C ALA B 169 13.03 3.27 18.51
N HIS B 170 13.99 4.10 18.88
CA HIS B 170 14.49 5.17 17.97
C HIS B 170 15.04 4.58 16.66
N ALA B 171 15.72 3.42 16.72
CA ALA B 171 16.26 2.76 15.51
C ALA B 171 15.11 2.35 14.57
N VAL B 172 14.02 1.82 15.14
CA VAL B 172 12.84 1.41 14.32
C VAL B 172 12.21 2.67 13.71
N PHE B 173 12.03 3.75 14.47
CA PHE B 173 11.45 5.00 13.88
C PHE B 173 12.38 5.49 12.75
N GLY B 174 13.68 5.42 12.93
CA GLY B 174 14.64 5.84 11.90
C GLY B 174 14.49 5.01 10.62
N LEU B 175 14.40 3.69 10.78
CA LEU B 175 14.20 2.71 9.68
C LEU B 175 12.91 3.08 8.92
N LEU B 176 11.80 3.17 9.62
CA LEU B 176 10.45 3.40 9.03
C LEU B 176 10.37 4.82 8.48
N ASN B 177 11.00 5.81 9.13
CA ASN B 177 10.87 7.22 8.70
C ASN B 177 11.81 7.53 7.53
N SER B 178 12.45 6.53 6.93
CA SER B 178 13.35 6.72 5.75
C SER B 178 12.53 6.88 4.47
N THR B 179 11.20 6.74 4.53
CA THR B 179 10.30 6.74 3.34
C THR B 179 10.42 8.03 2.50
N PRO B 180 10.62 9.25 3.04
CA PRO B 180 10.84 10.43 2.20
C PRO B 180 12.04 10.30 1.25
N HIS B 181 13.09 9.55 1.65
CA HIS B 181 14.34 9.38 0.85
C HIS B 181 14.14 8.32 -0.21
N SER B 182 13.34 7.31 0.08
CA SER B 182 13.21 6.11 -0.79
C SER B 182 11.94 6.19 -1.66
N MET B 183 10.95 7.03 -1.32
CA MET B 183 9.59 7.00 -1.96
C MET B 183 9.24 8.38 -2.53
N LYS B 184 9.57 8.62 -3.80
CA LYS B 184 9.24 9.90 -4.49
C LYS B 184 7.82 9.78 -5.07
N ALA B 185 7.14 10.92 -5.31
CA ALA B 185 5.91 11.05 -6.14
C ALA B 185 5.93 10.10 -7.34
N ALA B 186 7.08 9.97 -8.01
CA ALA B 186 7.39 9.02 -9.11
C ALA B 186 6.73 7.66 -8.86
N ASP B 187 7.13 6.96 -7.79
CA ASP B 187 6.77 5.53 -7.54
C ASP B 187 5.57 5.49 -6.58
N SER B 188 4.51 6.25 -6.91
CA SER B 188 3.22 6.23 -6.18
C SER B 188 2.24 5.22 -6.80
N LYS B 189 2.74 4.25 -7.55
CA LYS B 189 1.99 3.04 -7.99
C LYS B 189 1.62 2.18 -6.78
N PRO B 190 0.37 1.74 -6.65
CA PRO B 190 -0.02 0.83 -5.54
C PRO B 190 0.89 -0.36 -5.36
N ALA B 191 1.34 -1.02 -6.44
CA ALA B 191 2.29 -2.15 -6.40
C ALA B 191 3.60 -1.76 -5.67
N ARG B 192 4.08 -0.54 -5.85
CA ARG B 192 5.33 -0.05 -5.23
C ARG B 192 5.09 0.18 -3.73
N THR B 193 3.97 0.78 -3.38
CA THR B 193 3.57 1.03 -1.97
C THR B 193 3.51 -0.29 -1.20
N VAL B 194 2.83 -1.31 -1.73
CA VAL B 194 2.69 -2.57 -0.95
C VAL B 194 4.00 -3.32 -0.93
N ARG B 195 4.83 -3.26 -1.95
CA ARG B 195 6.16 -3.92 -1.91
C ARG B 195 7.04 -3.19 -0.85
N ALA B 196 7.06 -1.86 -0.84
CA ALA B 196 7.83 -1.08 0.17
C ALA B 196 7.34 -1.44 1.58
N ARG B 197 6.02 -1.44 1.77
CA ARG B 197 5.44 -1.86 3.06
C ARG B 197 5.97 -3.25 3.46
N ALA B 198 5.96 -4.23 2.56
CA ALA B 198 6.33 -5.62 2.92
C ALA B 198 7.81 -5.68 3.32
N VAL B 199 8.67 -5.03 2.54
CA VAL B 199 10.13 -5.00 2.80
C VAL B 199 10.43 -4.27 4.13
N LEU B 200 9.85 -3.09 4.34
CA LEU B 200 10.07 -2.33 5.62
C LEU B 200 9.53 -3.11 6.83
N ARG B 201 8.37 -3.77 6.70
CA ARG B 201 7.81 -4.59 7.82
C ARG B 201 8.79 -5.74 8.14
N ALA B 202 9.29 -6.46 7.15
CA ALA B 202 10.18 -7.63 7.35
C ALA B 202 11.48 -7.15 8.03
N MET B 203 12.02 -6.02 7.57
CA MET B 203 13.25 -5.43 8.18
C MET B 203 13.00 -5.09 9.64
N THR B 204 11.85 -4.49 9.94
CA THR B 204 11.51 -4.01 11.29
C THR B 204 11.34 -5.20 12.24
N VAL B 205 10.58 -6.21 11.82
CA VAL B 205 10.32 -7.41 12.64
C VAL B 205 11.65 -8.12 12.94
N ALA B 206 12.49 -8.31 11.94
CA ALA B 206 13.83 -8.92 12.10
C ALA B 206 14.70 -8.06 13.04
N ALA B 207 14.71 -6.73 12.88
CA ALA B 207 15.54 -5.82 13.71
C ALA B 207 15.17 -5.99 15.19
N LEU B 208 13.88 -6.03 15.52
CA LEU B 208 13.43 -6.11 16.92
C LEU B 208 13.72 -7.48 17.54
N SER B 209 14.00 -8.53 16.78
CA SER B 209 14.57 -9.83 17.27
C SER B 209 15.80 -9.63 18.15
N ALA B 210 16.56 -8.58 17.91
CA ALA B 210 17.81 -8.21 18.62
C ALA B 210 17.57 -8.00 20.10
N ALA B 211 16.35 -7.68 20.56
CA ALA B 211 16.09 -7.42 22.01
C ALA B 211 16.56 -8.64 22.81
N ASP B 212 16.18 -9.83 22.31
CA ASP B 212 16.44 -11.14 22.93
C ASP B 212 17.96 -11.37 23.01
N ARG B 213 18.69 -11.12 21.91
CA ARG B 213 20.16 -11.37 21.82
C ARG B 213 20.96 -10.28 22.54
N CYS B 214 20.32 -9.29 23.16
CA CYS B 214 20.99 -8.12 23.77
C CYS B 214 20.75 -8.07 25.29
N LEU B 215 19.75 -8.77 25.84
CA LEU B 215 19.49 -8.75 27.30
C LEU B 215 20.37 -9.81 27.97
N ASP C 25 -44.88 -20.55 -22.17
CA ASP C 25 -44.71 -19.17 -22.76
C ASP C 25 -43.26 -19.08 -23.26
N ARG C 26 -43.09 -18.80 -24.57
CA ARG C 26 -41.87 -19.10 -25.34
C ARG C 26 -40.82 -18.03 -25.10
N ARG C 27 -41.27 -16.79 -24.81
CA ARG C 27 -40.39 -15.63 -24.55
C ARG C 27 -39.49 -15.95 -23.34
N PHE C 28 -40.07 -16.49 -22.27
CA PHE C 28 -39.37 -16.87 -21.00
C PHE C 28 -38.42 -18.04 -21.27
N GLN C 29 -38.81 -18.99 -22.12
CA GLN C 29 -38.00 -20.20 -22.45
C GLN C 29 -36.73 -19.77 -23.18
N LEU C 30 -36.86 -18.84 -24.13
CA LEU C 30 -35.71 -18.27 -24.88
C LEU C 30 -34.77 -17.49 -23.95
N LEU C 31 -35.32 -16.71 -23.00
CA LEU C 31 -34.50 -15.89 -22.06
C LEU C 31 -33.73 -16.81 -21.13
N ALA C 32 -34.37 -17.84 -20.60
CA ALA C 32 -33.77 -18.82 -19.66
C ALA C 32 -32.66 -19.61 -20.36
N ALA C 33 -32.88 -20.02 -21.62
CA ALA C 33 -31.84 -20.70 -22.43
C ALA C 33 -30.66 -19.73 -22.67
N ALA C 34 -30.94 -18.50 -23.11
CA ALA C 34 -29.92 -17.46 -23.37
C ALA C 34 -29.08 -17.23 -22.10
N GLU C 35 -29.74 -17.15 -20.95
CA GLU C 35 -29.09 -16.95 -19.62
C GLU C 35 -28.12 -18.09 -19.36
N ARG C 36 -28.59 -19.33 -19.50
CA ARG C 36 -27.78 -20.55 -19.23
C ARG C 36 -26.58 -20.59 -20.19
N LEU C 37 -26.79 -20.34 -21.48
CA LEU C 37 -25.76 -20.53 -22.55
C LEU C 37 -24.74 -19.38 -22.51
N PHE C 38 -25.19 -18.14 -22.36
CA PHE C 38 -24.30 -16.96 -22.18
C PHE C 38 -23.38 -17.15 -20.97
N ALA C 39 -23.89 -17.67 -19.85
CA ALA C 39 -23.12 -17.95 -18.61
C ALA C 39 -22.04 -19.02 -18.88
N GLU C 40 -22.45 -20.15 -19.48
CA GLU C 40 -21.59 -21.33 -19.75
C GLU C 40 -20.53 -21.00 -20.80
N ARG C 41 -20.92 -20.44 -21.95
CA ARG C 41 -20.05 -20.37 -23.16
C ARG C 41 -19.56 -18.93 -23.43
N GLY C 42 -20.19 -17.92 -22.82
CA GLY C 42 -19.91 -16.50 -23.09
C GLY C 42 -20.75 -16.01 -24.26
N PHE C 43 -21.04 -14.71 -24.30
CA PHE C 43 -21.99 -14.12 -25.28
C PHE C 43 -21.56 -14.43 -26.73
N LEU C 44 -20.29 -14.16 -27.06
CA LEU C 44 -19.76 -14.20 -28.45
C LEU C 44 -19.89 -15.60 -29.05
N ALA C 45 -19.59 -16.66 -28.29
CA ALA C 45 -19.57 -18.07 -28.77
C ALA C 45 -20.99 -18.60 -29.00
N VAL C 46 -22.02 -17.93 -28.48
CA VAL C 46 -23.41 -18.47 -28.54
C VAL C 46 -24.09 -17.90 -29.77
N ARG C 47 -24.81 -18.74 -30.53
CA ARG C 47 -25.66 -18.34 -31.68
C ARG C 47 -27.12 -18.32 -31.24
N LEU C 48 -27.92 -17.42 -31.83
CA LEU C 48 -29.38 -17.34 -31.62
C LEU C 48 -30.01 -18.73 -31.80
N GLU C 49 -29.62 -19.47 -32.86
CA GLU C 49 -30.15 -20.82 -33.14
C GLU C 49 -29.85 -21.77 -31.98
N ASP C 50 -28.69 -21.64 -31.33
CA ASP C 50 -28.34 -22.48 -30.15
C ASP C 50 -29.38 -22.22 -29.04
N ILE C 51 -29.78 -20.95 -28.86
CA ILE C 51 -30.77 -20.52 -27.83
C ILE C 51 -32.13 -21.12 -28.20
N GLY C 52 -32.56 -20.90 -29.45
CA GLY C 52 -33.73 -21.59 -30.04
C GLY C 52 -33.70 -23.10 -29.78
N ALA C 53 -32.60 -23.77 -30.18
CA ALA C 53 -32.40 -25.23 -29.99
C ALA C 53 -32.68 -25.60 -28.53
N ALA C 54 -31.95 -25.02 -27.59
CA ALA C 54 -32.05 -25.32 -26.12
C ALA C 54 -33.47 -25.05 -25.61
N ALA C 55 -34.16 -24.02 -26.13
CA ALA C 55 -35.50 -23.61 -25.68
C ALA C 55 -36.57 -24.55 -26.26
N GLY C 56 -36.26 -25.20 -27.39
CA GLY C 56 -37.19 -26.05 -28.16
C GLY C 56 -38.04 -25.21 -29.09
N VAL C 57 -37.45 -24.14 -29.64
CA VAL C 57 -38.09 -23.21 -30.62
C VAL C 57 -37.35 -23.34 -31.95
N SER C 58 -38.09 -23.63 -33.03
CA SER C 58 -37.55 -23.73 -34.41
C SER C 58 -36.92 -22.40 -34.82
N GLY C 59 -35.92 -22.45 -35.70
CA GLY C 59 -35.14 -21.30 -36.16
C GLY C 59 -35.99 -20.07 -36.48
N PRO C 60 -36.95 -20.15 -37.44
CA PRO C 60 -37.70 -18.97 -37.86
C PRO C 60 -38.67 -18.46 -36.76
N ALA C 61 -39.16 -19.36 -35.88
CA ALA C 61 -40.05 -19.04 -34.75
C ALA C 61 -39.35 -18.12 -33.73
N ILE C 62 -38.01 -18.23 -33.61
CA ILE C 62 -37.19 -17.41 -32.66
C ILE C 62 -37.42 -15.92 -32.95
N TYR C 63 -37.46 -15.55 -34.24
CA TYR C 63 -37.41 -14.14 -34.71
C TYR C 63 -38.76 -13.45 -34.50
N ARG C 64 -39.81 -14.22 -34.19
CA ARG C 64 -41.12 -13.68 -33.76
C ARG C 64 -41.00 -13.09 -32.36
N HIS C 65 -39.99 -13.53 -31.58
CA HIS C 65 -39.80 -13.15 -30.16
C HIS C 65 -38.61 -12.18 -30.01
N PHE C 66 -37.46 -12.46 -30.64
CA PHE C 66 -36.22 -11.66 -30.55
C PHE C 66 -35.56 -11.53 -31.91
N PRO C 67 -35.19 -10.31 -32.34
CA PRO C 67 -34.50 -10.12 -33.62
C PRO C 67 -33.05 -10.62 -33.69
N ASN C 68 -32.35 -10.74 -32.56
CA ASN C 68 -30.89 -11.08 -32.52
C ASN C 68 -30.49 -11.50 -31.11
N LYS C 69 -29.23 -11.90 -30.92
CA LYS C 69 -28.63 -12.29 -29.62
C LYS C 69 -28.63 -11.09 -28.69
N GLU C 70 -28.20 -9.94 -29.23
CA GLU C 70 -28.02 -8.65 -28.52
C GLU C 70 -29.28 -8.30 -27.73
N SER C 71 -30.45 -8.48 -28.34
CA SER C 71 -31.78 -8.13 -27.75
C SER C 71 -32.03 -9.01 -26.51
N LEU C 72 -31.60 -10.27 -26.53
CA LEU C 72 -31.68 -11.17 -25.36
C LEU C 72 -30.75 -10.67 -24.25
N LEU C 73 -29.50 -10.31 -24.58
CA LEU C 73 -28.51 -9.82 -23.58
C LEU C 73 -29.06 -8.55 -22.93
N VAL C 74 -29.61 -7.64 -23.74
CA VAL C 74 -30.22 -6.36 -23.29
C VAL C 74 -31.31 -6.68 -22.27
N GLU C 75 -32.25 -7.55 -22.61
CA GLU C 75 -33.37 -7.89 -21.70
C GLU C 75 -32.84 -8.51 -20.40
N LEU C 76 -31.86 -9.41 -20.49
CA LEU C 76 -31.28 -10.11 -19.30
C LEU C 76 -30.66 -9.07 -18.37
N LEU C 77 -29.85 -8.15 -18.89
CA LEU C 77 -29.00 -7.25 -18.07
C LEU C 77 -29.77 -5.99 -17.68
N VAL C 78 -30.59 -5.41 -18.55
CA VAL C 78 -31.48 -4.28 -18.18
C VAL C 78 -32.40 -4.79 -17.06
N GLY C 79 -32.92 -6.02 -17.22
CA GLY C 79 -33.84 -6.63 -16.27
C GLY C 79 -33.21 -6.80 -14.89
N VAL C 80 -32.09 -7.53 -14.80
CA VAL C 80 -31.47 -7.85 -13.49
C VAL C 80 -31.02 -6.57 -12.80
N SER C 81 -30.45 -5.60 -13.53
CA SER C 81 -29.93 -4.35 -12.93
C SER C 81 -31.09 -3.51 -12.40
N ALA C 82 -32.21 -3.42 -13.12
CA ALA C 82 -33.41 -2.69 -12.64
C ALA C 82 -34.02 -3.40 -11.43
N ARG C 83 -34.07 -4.73 -11.42
CA ARG C 83 -34.69 -5.50 -10.31
C ARG C 83 -33.85 -5.39 -9.04
N LEU C 84 -32.52 -5.42 -9.16
CA LEU C 84 -31.65 -5.29 -7.98
C LEU C 84 -31.88 -3.91 -7.35
N LEU C 85 -31.86 -2.86 -8.17
CA LEU C 85 -32.04 -1.48 -7.65
C LEU C 85 -33.42 -1.37 -6.99
N ALA C 86 -34.49 -1.86 -7.62
CA ALA C 86 -35.88 -1.78 -7.09
C ALA C 86 -35.96 -2.55 -5.76
N GLY C 87 -35.33 -3.72 -5.66
CA GLY C 87 -35.33 -4.50 -4.42
C GLY C 87 -34.58 -3.80 -3.29
N ALA C 88 -33.44 -3.19 -3.62
CA ALA C 88 -32.66 -2.41 -2.62
C ALA C 88 -33.52 -1.23 -2.11
N ARG C 89 -34.17 -0.51 -3.01
CA ARG C 89 -35.09 0.60 -2.64
C ARG C 89 -36.22 0.08 -1.75
N ASP C 90 -36.85 -1.04 -2.10
CA ASP C 90 -37.94 -1.65 -1.30
C ASP C 90 -37.41 -1.94 0.12
N VAL C 91 -36.19 -2.44 0.23
CA VAL C 91 -35.61 -2.79 1.55
C VAL C 91 -35.51 -1.50 2.39
N THR C 92 -35.01 -0.42 1.79
CA THR C 92 -34.75 0.81 2.59
C THR C 92 -36.11 1.49 2.91
N THR C 93 -37.09 1.38 2.03
CA THR C 93 -38.49 1.87 2.23
C THR C 93 -39.08 1.21 3.49
N ARG C 94 -38.91 -0.11 3.64
CA ARG C 94 -39.67 -0.90 4.65
C ARG C 94 -38.93 -0.89 5.98
N SER C 95 -37.71 -0.34 6.03
CA SER C 95 -36.84 -0.51 7.22
C SER C 95 -37.20 0.56 8.26
N ALA C 96 -37.35 0.21 9.54
CA ALA C 96 -37.61 1.17 10.63
C ALA C 96 -36.34 1.95 10.99
N ASN C 97 -35.16 1.37 10.75
CA ASN C 97 -33.88 2.03 11.13
C ASN C 97 -32.78 1.53 10.18
N LEU C 98 -31.62 2.19 10.24
CA LEU C 98 -30.49 1.96 9.30
C LEU C 98 -29.86 0.58 9.54
N ALA C 99 -29.78 0.11 10.77
CA ALA C 99 -29.29 -1.24 11.12
C ALA C 99 -30.15 -2.31 10.44
N ALA C 100 -31.48 -2.17 10.48
CA ALA C 100 -32.42 -3.10 9.80
C ALA C 100 -32.26 -2.98 8.29
N ALA C 101 -32.02 -1.78 7.77
CA ALA C 101 -31.85 -1.57 6.31
C ALA C 101 -30.58 -2.33 5.84
N LEU C 102 -29.45 -2.23 6.55
CA LEU C 102 -28.20 -2.95 6.16
C LEU C 102 -28.46 -4.46 6.21
N ASP C 103 -29.11 -4.96 7.28
CA ASP C 103 -29.42 -6.39 7.41
C ASP C 103 -30.28 -6.85 6.22
N GLY C 104 -31.27 -6.05 5.86
CA GLY C 104 -32.17 -6.36 4.72
C GLY C 104 -31.41 -6.38 3.42
N LEU C 105 -30.50 -5.43 3.20
CA LEU C 105 -29.72 -5.35 1.94
C LEU C 105 -28.81 -6.59 1.84
N ILE C 106 -28.21 -7.02 2.95
CA ILE C 106 -27.36 -8.25 2.99
C ILE C 106 -28.22 -9.43 2.58
N GLU C 107 -29.40 -9.60 3.19
CA GLU C 107 -30.30 -10.76 2.97
C GLU C 107 -30.74 -10.77 1.49
N PHE C 108 -31.10 -9.60 0.98
CA PHE C 108 -31.54 -9.42 -0.42
C PHE C 108 -30.42 -9.85 -1.38
N HIS C 109 -29.19 -9.35 -1.18
CA HIS C 109 -28.07 -9.64 -2.11
C HIS C 109 -27.69 -11.14 -2.00
N LEU C 110 -27.74 -11.70 -0.80
CA LEU C 110 -27.49 -13.13 -0.56
C LEU C 110 -28.49 -14.00 -1.36
N ASP C 111 -29.80 -13.67 -1.30
CA ASP C 111 -30.85 -14.39 -2.08
C ASP C 111 -30.49 -14.34 -3.57
N PHE C 112 -30.11 -13.17 -4.05
CA PHE C 112 -29.71 -12.95 -5.46
C PHE C 112 -28.51 -13.85 -5.82
N ALA C 113 -27.44 -13.79 -5.03
CA ALA C 113 -26.19 -14.53 -5.33
C ALA C 113 -26.42 -16.05 -5.32
N LEU C 114 -27.25 -16.55 -4.41
CA LEU C 114 -27.55 -18.02 -4.32
C LEU C 114 -28.53 -18.44 -5.42
N GLY C 115 -29.44 -17.57 -5.86
CA GLY C 115 -30.46 -17.90 -6.86
C GLY C 115 -30.03 -17.61 -8.30
N GLU C 116 -29.09 -16.68 -8.53
CA GLU C 116 -28.87 -16.13 -9.88
C GLU C 116 -27.40 -16.11 -10.31
N ALA C 117 -26.65 -17.16 -10.02
CA ALA C 117 -25.20 -17.26 -10.36
C ALA C 117 -24.94 -16.96 -11.85
N ASP C 118 -25.81 -17.43 -12.74
CA ASP C 118 -25.64 -17.23 -14.21
C ASP C 118 -25.67 -15.74 -14.55
N LEU C 119 -26.61 -14.97 -13.99
CA LEU C 119 -26.71 -13.51 -14.28
C LEU C 119 -25.50 -12.77 -13.71
N ILE C 120 -24.92 -13.22 -12.59
CA ILE C 120 -23.68 -12.64 -12.02
C ILE C 120 -22.56 -12.80 -13.06
N ARG C 121 -22.38 -14.03 -13.58
CA ARG C 121 -21.30 -14.34 -14.53
C ARG C 121 -21.45 -13.46 -15.78
N ILE C 122 -22.67 -13.34 -16.29
CA ILE C 122 -22.95 -12.59 -17.54
C ILE C 122 -22.68 -11.11 -17.30
N GLN C 123 -23.21 -10.53 -16.22
CA GLN C 123 -23.14 -9.06 -15.93
C GLN C 123 -21.67 -8.64 -15.75
N ASP C 124 -20.82 -9.57 -15.28
CA ASP C 124 -19.38 -9.33 -15.06
C ASP C 124 -18.66 -9.34 -16.42
N ARG C 125 -18.86 -10.39 -17.19
CA ARG C 125 -18.04 -10.77 -18.36
C ARG C 125 -18.53 -10.07 -19.64
N ASP C 126 -19.82 -9.70 -19.76
CA ASP C 126 -20.43 -9.44 -21.10
C ASP C 126 -21.14 -8.07 -21.16
N LEU C 127 -20.96 -7.20 -20.18
CA LEU C 127 -21.55 -5.84 -20.16
C LEU C 127 -21.15 -5.03 -21.41
N ALA C 128 -19.91 -5.18 -21.89
CA ALA C 128 -19.35 -4.41 -23.02
C ALA C 128 -20.02 -4.82 -24.34
N HIS C 129 -20.69 -5.97 -24.41
CA HIS C 129 -21.37 -6.46 -25.63
C HIS C 129 -22.78 -5.86 -25.76
N LEU C 130 -23.21 -4.99 -24.86
CA LEU C 130 -24.52 -4.30 -24.98
C LEU C 130 -24.41 -3.18 -26.01
N PRO C 131 -25.49 -2.86 -26.76
CA PRO C 131 -25.58 -1.59 -27.47
C PRO C 131 -25.42 -0.41 -26.51
N ALA C 132 -24.78 0.68 -26.95
CA ALA C 132 -24.33 1.83 -26.14
C ALA C 132 -25.44 2.33 -25.21
N VAL C 133 -26.67 2.45 -25.71
CA VAL C 133 -27.82 3.00 -24.95
C VAL C 133 -28.14 2.06 -23.77
N ALA C 134 -28.20 0.74 -24.03
CA ALA C 134 -28.48 -0.30 -23.02
C ALA C 134 -27.34 -0.35 -21.99
N GLU C 135 -26.08 -0.23 -22.44
CA GLU C 135 -24.86 -0.22 -21.59
C GLU C 135 -24.98 0.92 -20.59
N ARG C 136 -25.41 2.12 -21.02
CA ARG C 136 -25.51 3.31 -20.14
C ARG C 136 -26.61 3.07 -19.09
N GLN C 137 -27.73 2.46 -19.52
CA GLN C 137 -28.89 2.14 -18.65
C GLN C 137 -28.44 1.16 -17.56
N VAL C 138 -27.71 0.11 -17.94
CA VAL C 138 -27.28 -0.97 -17.01
C VAL C 138 -26.25 -0.37 -16.06
N ARG C 139 -25.29 0.42 -16.53
CA ARG C 139 -24.22 0.99 -15.68
C ARG C 139 -24.84 2.00 -14.73
N LYS C 140 -25.86 2.74 -15.17
CA LYS C 140 -26.56 3.69 -14.29
C LYS C 140 -27.26 2.93 -13.16
N ALA C 141 -28.00 1.86 -13.45
CA ALA C 141 -28.78 1.07 -12.45
C ALA C 141 -27.81 0.38 -11.48
N GLN C 142 -26.66 -0.08 -11.97
CA GLN C 142 -25.57 -0.68 -11.14
C GLN C 142 -25.02 0.37 -10.19
N ARG C 143 -24.67 1.54 -10.73
CA ARG C 143 -24.12 2.65 -9.93
C ARG C 143 -25.14 3.03 -8.86
N GLN C 144 -26.43 3.12 -9.19
CA GLN C 144 -27.49 3.51 -8.22
C GLN C 144 -27.66 2.42 -7.16
N TYR C 145 -27.51 1.14 -7.51
CA TYR C 145 -27.56 0.02 -6.54
C TYR C 145 -26.43 0.19 -5.51
N VAL C 146 -25.20 0.45 -6.01
CA VAL C 146 -24.00 0.69 -5.14
C VAL C 146 -24.30 1.90 -4.23
N GLU C 147 -24.91 2.96 -4.77
CA GLU C 147 -25.20 4.22 -4.02
C GLU C 147 -26.20 3.92 -2.90
N VAL C 148 -27.14 3.00 -3.08
CA VAL C 148 -28.06 2.65 -1.96
C VAL C 148 -27.21 2.08 -0.82
N TRP C 149 -26.34 1.11 -1.10
CA TRP C 149 -25.45 0.53 -0.06
C TRP C 149 -24.55 1.63 0.55
N VAL C 150 -23.92 2.42 -0.30
CA VAL C 150 -22.95 3.46 0.20
C VAL C 150 -23.72 4.43 1.11
N GLY C 151 -24.93 4.83 0.70
CA GLY C 151 -25.78 5.77 1.45
C GLY C 151 -26.09 5.23 2.82
N VAL C 152 -26.43 3.93 2.91
CA VAL C 152 -26.79 3.30 4.22
C VAL C 152 -25.53 3.22 5.06
N LEU C 153 -24.38 2.84 4.48
CA LEU C 153 -23.13 2.65 5.26
C LEU C 153 -22.68 4.01 5.86
N ARG C 154 -22.77 5.08 5.08
CA ARG C 154 -22.35 6.44 5.52
C ARG C 154 -23.33 7.01 6.54
N GLU C 155 -24.63 6.76 6.41
CA GLU C 155 -25.65 7.22 7.39
C GLU C 155 -25.43 6.50 8.72
N LEU C 156 -25.03 5.23 8.67
CA LEU C 156 -24.72 4.41 9.88
C LEU C 156 -23.44 4.92 10.54
N ASN C 157 -22.45 5.31 9.73
CA ASN C 157 -21.10 5.70 10.21
C ASN C 157 -20.73 7.02 9.53
N PRO C 158 -21.26 8.17 9.98
CA PRO C 158 -20.86 9.46 9.42
C PRO C 158 -19.33 9.72 9.34
N GLY C 159 -18.49 9.05 10.13
CA GLY C 159 -17.02 9.13 10.01
C GLY C 159 -16.46 8.40 8.79
N LEU C 160 -17.24 7.52 8.14
CA LEU C 160 -16.81 6.77 6.95
C LEU C 160 -16.72 7.72 5.76
N ALA C 161 -15.54 7.84 5.16
CA ALA C 161 -15.36 8.53 3.86
C ALA C 161 -16.11 7.77 2.75
N GLU C 162 -16.52 8.47 1.70
CA GLU C 162 -17.11 7.94 0.46
C GLU C 162 -16.25 6.78 -0.06
N ALA C 163 -14.96 6.99 -0.26
CA ALA C 163 -14.01 5.99 -0.80
C ALA C 163 -14.02 4.72 0.06
N ASP C 164 -14.04 4.82 1.38
CA ASP C 164 -14.05 3.66 2.30
C ASP C 164 -15.40 2.92 2.20
N ALA C 165 -16.52 3.65 2.18
CA ALA C 165 -17.86 3.03 2.05
C ALA C 165 -17.96 2.27 0.72
N ARG C 166 -17.45 2.84 -0.38
CA ARG C 166 -17.41 2.19 -1.72
C ARG C 166 -16.55 0.91 -1.67
N LEU C 167 -15.38 0.99 -1.06
CA LEU C 167 -14.47 -0.18 -0.87
C LEU C 167 -15.22 -1.29 -0.13
N MET C 168 -15.93 -0.95 0.93
CA MET C 168 -16.63 -1.97 1.77
C MET C 168 -17.79 -2.61 0.96
N ALA C 169 -18.54 -1.79 0.23
CA ALA C 169 -19.70 -2.25 -0.55
C ALA C 169 -19.20 -3.21 -1.65
N HIS C 170 -18.22 -2.79 -2.44
CA HIS C 170 -17.65 -3.66 -3.51
C HIS C 170 -17.05 -4.93 -2.92
N ALA C 171 -16.47 -4.88 -1.72
CA ALA C 171 -15.89 -6.07 -1.05
C ALA C 171 -17.01 -7.04 -0.71
N VAL C 172 -18.13 -6.52 -0.21
CA VAL C 172 -19.30 -7.38 0.15
C VAL C 172 -19.87 -7.99 -1.13
N PHE C 173 -20.04 -7.22 -2.21
CA PHE C 173 -20.56 -7.79 -3.48
C PHE C 173 -19.59 -8.88 -3.95
N GLY C 174 -18.28 -8.65 -3.84
CA GLY C 174 -17.28 -9.65 -4.29
C GLY C 174 -17.39 -10.92 -3.49
N LEU C 175 -17.54 -10.81 -2.17
CA LEU C 175 -17.68 -11.95 -1.23
C LEU C 175 -18.93 -12.77 -1.65
N LEU C 176 -20.07 -12.10 -1.75
CA LEU C 176 -21.38 -12.73 -2.05
C LEU C 176 -21.39 -13.24 -3.48
N ASN C 177 -20.80 -12.51 -4.42
CA ASN C 177 -20.90 -12.89 -5.86
C ASN C 177 -19.87 -13.97 -6.18
N SER C 178 -19.22 -14.60 -5.18
CA SER C 178 -18.27 -15.71 -5.41
C SER C 178 -19.03 -17.02 -5.67
N THR C 179 -20.34 -17.02 -5.55
CA THR C 179 -21.20 -18.23 -5.66
C THR C 179 -21.02 -18.98 -6.99
N PRO C 180 -20.82 -18.36 -8.17
CA PRO C 180 -20.56 -19.12 -9.39
C PRO C 180 -19.34 -20.06 -9.28
N HIS C 181 -18.31 -19.66 -8.52
CA HIS C 181 -17.03 -20.40 -8.38
C HIS C 181 -17.20 -21.51 -7.35
N SER C 182 -18.03 -21.30 -6.34
CA SER C 182 -18.14 -22.23 -5.21
C SER C 182 -19.37 -23.15 -5.33
N MET C 183 -20.36 -22.81 -6.16
CA MET C 183 -21.68 -23.53 -6.22
C MET C 183 -21.94 -24.04 -7.64
N LYS C 184 -21.52 -25.28 -7.98
CA LYS C 184 -21.63 -25.91 -9.33
C LYS C 184 -22.34 -24.96 -10.31
N LYS C 189 -27.86 -28.49 -4.95
CA LYS C 189 -28.55 -29.17 -3.81
C LYS C 189 -29.16 -28.14 -2.88
N PRO C 190 -30.44 -28.27 -2.49
CA PRO C 190 -31.00 -27.52 -1.36
C PRO C 190 -30.10 -27.47 -0.12
N ALA C 191 -29.46 -28.58 0.27
CA ALA C 191 -28.57 -28.61 1.46
C ALA C 191 -27.35 -27.68 1.26
N ARG C 192 -26.85 -27.57 0.02
CA ARG C 192 -25.70 -26.67 -0.30
C ARG C 192 -26.14 -25.20 -0.12
N THR C 193 -27.35 -24.87 -0.60
CA THR C 193 -27.93 -23.52 -0.50
C THR C 193 -28.03 -23.10 0.97
N VAL C 194 -28.61 -23.95 1.83
CA VAL C 194 -28.84 -23.60 3.26
C VAL C 194 -27.50 -23.33 3.95
N ARG C 195 -26.53 -24.19 3.69
CA ARG C 195 -25.20 -24.12 4.32
C ARG C 195 -24.50 -22.85 3.83
N ALA C 196 -24.49 -22.62 2.52
CA ALA C 196 -23.83 -21.46 1.89
C ALA C 196 -24.46 -20.19 2.44
N ARG C 197 -25.80 -20.14 2.55
CA ARG C 197 -26.48 -18.93 3.07
C ARG C 197 -25.91 -18.63 4.45
N ALA C 198 -25.82 -19.64 5.33
CA ALA C 198 -25.43 -19.40 6.73
C ALA C 198 -23.98 -18.89 6.78
N VAL C 199 -23.10 -19.57 6.06
CA VAL C 199 -21.64 -19.24 6.04
C VAL C 199 -21.43 -17.84 5.42
N LEU C 200 -22.02 -17.57 4.25
CA LEU C 200 -21.78 -16.29 3.54
C LEU C 200 -22.39 -15.14 4.34
N ARG C 201 -23.55 -15.35 5.01
CA ARG C 201 -24.13 -14.27 5.84
C ARG C 201 -23.18 -13.94 7.01
N ALA C 202 -22.69 -14.95 7.71
CA ALA C 202 -21.81 -14.76 8.89
C ALA C 202 -20.53 -14.03 8.44
N MET C 203 -19.96 -14.44 7.29
CA MET C 203 -18.73 -13.81 6.75
C MET C 203 -18.99 -12.34 6.46
N THR C 204 -20.12 -12.04 5.81
CA THR C 204 -20.47 -10.66 5.38
C THR C 204 -20.70 -9.77 6.59
N VAL C 205 -21.49 -10.23 7.57
CA VAL C 205 -21.81 -9.42 8.78
C VAL C 205 -20.50 -9.14 9.54
N ALA C 206 -19.65 -10.15 9.76
CA ALA C 206 -18.36 -9.98 10.45
C ALA C 206 -17.45 -9.01 9.64
N ALA C 207 -17.38 -9.15 8.31
CA ALA C 207 -16.55 -8.29 7.45
C ALA C 207 -16.97 -6.82 7.63
N LEU C 208 -18.27 -6.53 7.59
CA LEU C 208 -18.74 -5.12 7.69
C LEU C 208 -18.52 -4.55 9.11
N SER C 209 -18.54 -5.39 10.15
CA SER C 209 -18.29 -4.95 11.55
C SER C 209 -16.82 -4.60 11.72
N ALA C 210 -15.92 -5.43 11.15
CA ALA C 210 -14.46 -5.22 11.29
C ALA C 210 -14.06 -3.94 10.54
N ALA C 211 -14.62 -3.74 9.34
CA ALA C 211 -14.34 -2.55 8.50
C ALA C 211 -14.70 -1.32 9.33
N ASP C 212 -15.87 -1.37 10.00
CA ASP C 212 -16.43 -0.23 10.79
C ASP C 212 -15.48 0.09 11.95
N ARG C 213 -14.98 -0.91 12.68
CA ARG C 213 -14.07 -0.73 13.85
C ARG C 213 -12.63 -0.41 13.42
N CYS C 214 -12.35 -0.27 12.13
CA CYS C 214 -10.98 -0.11 11.56
C CYS C 214 -10.84 1.26 10.89
N PHE D 28 40.40 24.25 11.96
CA PHE D 28 39.74 23.09 12.60
C PHE D 28 38.89 23.57 13.78
N GLN D 29 39.37 24.56 14.53
CA GLN D 29 38.66 25.08 15.74
C GLN D 29 37.35 25.74 15.33
N LEU D 30 37.40 26.54 14.25
CA LEU D 30 36.20 27.22 13.68
C LEU D 30 35.22 26.19 13.12
N LEU D 31 35.70 25.12 12.45
CA LEU D 31 34.80 24.08 11.86
C LEU D 31 34.09 23.33 12.98
N ALA D 32 34.83 22.95 14.02
CA ALA D 32 34.31 22.18 15.18
C ALA D 32 33.27 23.01 15.94
N ALA D 33 33.53 24.30 16.14
CA ALA D 33 32.57 25.23 16.77
C ALA D 33 31.32 25.36 15.88
N ALA D 34 31.49 25.60 14.58
CA ALA D 34 30.38 25.73 13.60
C ALA D 34 29.52 24.46 13.64
N GLU D 35 30.15 23.29 13.67
CA GLU D 35 29.47 21.96 13.72
C GLU D 35 28.59 21.91 14.97
N ARG D 36 29.16 22.22 16.14
CA ARG D 36 28.46 22.16 17.44
C ARG D 36 27.27 23.15 17.43
N LEU D 37 27.49 24.39 16.98
CA LEU D 37 26.49 25.49 17.08
C LEU D 37 25.38 25.32 16.04
N PHE D 38 25.73 24.98 14.79
CA PHE D 38 24.73 24.68 13.73
C PHE D 38 23.81 23.52 14.17
N ALA D 39 24.36 22.47 14.82
CA ALA D 39 23.59 21.30 15.33
C ALA D 39 22.62 21.76 16.42
N GLU D 40 23.12 22.49 17.42
CA GLU D 40 22.35 22.96 18.61
C GLU D 40 21.27 23.97 18.21
N ARG D 41 21.63 25.02 17.46
CA ARG D 41 20.80 26.25 17.28
C ARG D 41 20.21 26.33 15.87
N GLY D 42 20.74 25.57 14.91
CA GLY D 42 20.37 25.67 13.49
C GLY D 42 21.19 26.71 12.78
N PHE D 43 21.39 26.55 11.47
CA PHE D 43 22.28 27.38 10.63
C PHE D 43 21.89 28.86 10.74
N LEU D 44 20.60 29.18 10.52
CA LEU D 44 20.10 30.58 10.38
C LEU D 44 20.35 31.39 11.66
N ALA D 45 20.11 30.79 12.84
CA ALA D 45 20.20 31.47 14.15
C ALA D 45 21.65 31.71 14.54
N VAL D 46 22.63 31.08 13.89
CA VAL D 46 24.06 31.17 14.32
C VAL D 46 24.71 32.30 13.52
N ARG D 47 25.48 33.15 14.21
CA ARG D 47 26.31 34.23 13.61
C ARG D 47 27.76 33.75 13.54
N LEU D 48 28.48 34.18 12.49
CA LEU D 48 29.96 33.98 12.35
C LEU D 48 30.66 34.30 13.67
N GLU D 49 30.35 35.45 14.29
CA GLU D 49 30.98 35.89 15.56
C GLU D 49 30.75 34.85 16.65
N ASP D 50 29.58 34.21 16.70
CA ASP D 50 29.29 33.16 17.70
C ASP D 50 30.28 32.01 17.51
N ILE D 51 30.58 31.64 16.26
CA ILE D 51 31.52 30.54 15.89
C ILE D 51 32.93 30.96 16.33
N GLY D 52 33.35 32.16 15.91
CA GLY D 52 34.58 32.82 16.40
C GLY D 52 34.67 32.77 17.92
N ALA D 53 33.65 33.28 18.63
CA ALA D 53 33.57 33.30 20.11
C ALA D 53 33.89 31.91 20.67
N ALA D 54 33.09 30.90 20.28
CA ALA D 54 33.21 29.50 20.77
C ALA D 54 34.60 28.92 20.46
N ALA D 55 35.19 29.29 19.32
CA ALA D 55 36.50 28.76 18.86
C ALA D 55 37.63 29.45 19.61
N GLY D 56 37.39 30.66 20.12
CA GLY D 56 38.41 31.52 20.75
C GLY D 56 39.18 32.31 19.71
N VAL D 57 38.50 32.71 18.63
CA VAL D 57 39.07 33.53 17.52
C VAL D 57 38.35 34.88 17.51
N SER D 58 39.10 35.98 17.57
CA SER D 58 38.58 37.37 17.50
C SER D 58 37.83 37.58 16.18
N GLY D 59 36.85 38.47 16.17
CA GLY D 59 35.98 38.78 15.01
C GLY D 59 36.74 38.90 13.69
N PRO D 60 37.71 39.83 13.56
CA PRO D 60 38.38 40.06 12.28
C PRO D 60 39.28 38.88 11.87
N ALA D 61 39.83 38.14 12.84
CA ALA D 61 40.69 36.95 12.62
C ALA D 61 39.91 35.82 11.93
N ILE D 62 38.59 35.75 12.15
CA ILE D 62 37.70 34.70 11.55
C ILE D 62 37.82 34.77 10.02
N TYR D 63 37.84 35.98 9.46
CA TYR D 63 37.70 36.24 8.00
C TYR D 63 38.99 35.90 7.25
N ARG D 64 40.09 35.67 7.99
CA ARG D 64 41.36 35.14 7.42
C ARG D 64 41.16 33.66 7.07
N HIS D 65 40.19 32.99 7.70
CA HIS D 65 39.94 31.53 7.54
C HIS D 65 38.70 31.26 6.69
N PHE D 66 37.59 31.96 6.96
CA PHE D 66 36.28 31.77 6.26
C PHE D 66 35.63 33.12 5.97
N PRO D 67 35.18 33.36 4.72
CA PRO D 67 34.49 34.60 4.37
C PRO D 67 33.08 34.79 4.96
N ASN D 68 32.38 33.70 5.31
CA ASN D 68 30.96 33.75 5.73
C ASN D 68 30.56 32.41 6.39
N LYS D 69 29.33 32.34 6.91
CA LYS D 69 28.76 31.12 7.54
C LYS D 69 28.66 30.02 6.50
N GLU D 70 28.14 30.38 5.31
CA GLU D 70 27.85 29.47 4.17
C GLU D 70 29.08 28.61 3.85
N SER D 71 30.27 29.22 3.86
CA SER D 71 31.56 28.56 3.51
C SER D 71 31.85 27.46 4.54
N LEU D 72 31.52 27.69 5.82
CA LEU D 72 31.66 26.65 6.88
C LEU D 72 30.69 25.50 6.61
N LEU D 73 29.42 25.82 6.31
CA LEU D 73 28.38 24.78 6.07
C LEU D 73 28.80 23.92 4.87
N VAL D 74 29.28 24.56 3.81
CA VAL D 74 29.76 23.90 2.56
C VAL D 74 30.87 22.91 2.94
N GLU D 75 31.89 23.37 3.66
CA GLU D 75 33.04 22.51 4.04
C GLU D 75 32.53 21.33 4.89
N LEU D 76 31.63 21.57 5.85
CA LEU D 76 31.10 20.53 6.77
C LEU D 76 30.41 19.43 5.93
N LEU D 77 29.51 19.81 5.01
CA LEU D 77 28.59 18.85 4.34
C LEU D 77 29.24 18.27 3.06
N VAL D 78 29.94 19.08 2.28
CA VAL D 78 30.69 18.57 1.10
C VAL D 78 31.76 17.61 1.64
N GLY D 79 32.39 17.96 2.76
CA GLY D 79 33.45 17.18 3.40
C GLY D 79 32.97 15.81 3.82
N VAL D 80 31.93 15.77 4.66
CA VAL D 80 31.43 14.48 5.20
C VAL D 80 30.93 13.58 4.06
N SER D 81 30.22 14.13 3.09
CA SER D 81 29.64 13.33 1.97
C SER D 81 30.77 12.75 1.09
N ALA D 82 31.83 13.51 0.82
CA ALA D 82 32.99 12.99 0.05
C ALA D 82 33.71 11.88 0.85
N ARG D 83 33.89 12.08 2.15
CA ARG D 83 34.62 11.11 3.01
C ARG D 83 33.83 9.80 3.14
N LEU D 84 32.51 9.89 3.29
CA LEU D 84 31.66 8.67 3.39
C LEU D 84 31.81 7.85 2.11
N LEU D 85 31.68 8.48 0.96
CA LEU D 85 31.82 7.77 -0.34
C LEU D 85 33.21 7.12 -0.48
N ALA D 86 34.28 7.87 -0.19
CA ALA D 86 35.68 7.35 -0.31
C ALA D 86 35.86 6.14 0.62
N GLY D 87 35.35 6.25 1.86
CA GLY D 87 35.50 5.17 2.84
C GLY D 87 34.70 3.94 2.42
N ALA D 88 33.51 4.10 1.86
CA ALA D 88 32.71 2.95 1.41
C ALA D 88 33.44 2.22 0.27
N ARG D 89 33.98 2.96 -0.70
CA ARG D 89 34.82 2.37 -1.78
C ARG D 89 36.01 1.62 -1.18
N ASP D 90 36.71 2.23 -0.22
CA ASP D 90 37.91 1.64 0.40
C ASP D 90 37.51 0.33 1.08
N VAL D 91 36.36 0.30 1.76
CA VAL D 91 35.88 -0.91 2.48
C VAL D 91 35.69 -2.03 1.46
N THR D 92 35.09 -1.74 0.31
CA THR D 92 34.73 -2.83 -0.62
C THR D 92 36.02 -3.29 -1.33
N THR D 93 36.97 -2.39 -1.58
CA THR D 93 38.28 -2.73 -2.19
C THR D 93 39.05 -3.68 -1.24
N ARG D 94 39.05 -3.42 0.06
CA ARG D 94 39.99 -4.08 1.03
C ARG D 94 39.39 -5.39 1.54
N SER D 95 38.10 -5.61 1.29
CA SER D 95 37.35 -6.74 1.90
C SER D 95 37.64 -8.02 1.10
N ALA D 96 37.82 -9.12 1.82
CA ALA D 96 38.18 -10.45 1.29
C ALA D 96 37.00 -11.08 0.53
N ASN D 97 35.76 -10.79 0.94
CA ASN D 97 34.53 -11.37 0.35
C ASN D 97 33.36 -10.42 0.68
N LEU D 98 32.19 -10.65 0.09
CA LEU D 98 31.00 -9.75 0.17
C LEU D 98 30.46 -9.69 1.60
N ALA D 99 30.48 -10.79 2.35
CA ALA D 99 30.04 -10.83 3.76
C ALA D 99 30.92 -9.90 4.60
N ALA D 100 32.25 -9.94 4.41
CA ALA D 100 33.19 -9.03 5.12
C ALA D 100 32.95 -7.58 4.65
N ALA D 101 32.63 -7.34 3.37
CA ALA D 101 32.40 -5.99 2.84
C ALA D 101 31.14 -5.40 3.52
N LEU D 102 30.05 -6.15 3.66
CA LEU D 102 28.82 -5.65 4.33
C LEU D 102 29.13 -5.35 5.79
N ASP D 103 29.86 -6.23 6.49
CA ASP D 103 30.26 -6.02 7.89
C ASP D 103 31.04 -4.71 8.00
N GLY D 104 31.98 -4.49 7.08
CA GLY D 104 32.80 -3.27 7.04
C GLY D 104 31.96 -2.04 6.76
N LEU D 105 30.99 -2.11 5.85
CA LEU D 105 30.12 -0.94 5.51
C LEU D 105 29.27 -0.58 6.73
N ILE D 106 28.75 -1.58 7.46
CA ILE D 106 27.94 -1.34 8.69
C ILE D 106 28.85 -0.64 9.71
N GLU D 107 30.06 -1.17 9.92
CA GLU D 107 31.02 -0.65 10.94
C GLU D 107 31.42 0.77 10.55
N PHE D 108 31.66 1.02 9.28
CA PHE D 108 32.04 2.35 8.76
C PHE D 108 30.91 3.37 9.01
N HIS D 109 29.68 3.03 8.65
CA HIS D 109 28.53 3.94 8.86
C HIS D 109 28.26 4.17 10.35
N LEU D 110 28.40 3.13 11.15
CA LEU D 110 28.29 3.19 12.63
C LEU D 110 29.34 4.15 13.20
N ASP D 111 30.59 4.13 12.74
CA ASP D 111 31.65 5.10 13.13
C ASP D 111 31.17 6.54 12.89
N PHE D 112 30.63 6.79 11.72
CA PHE D 112 30.04 8.10 11.39
C PHE D 112 28.88 8.45 12.33
N ALA D 113 27.89 7.58 12.46
CA ALA D 113 26.64 7.85 13.22
C ALA D 113 26.95 8.07 14.71
N LEU D 114 27.93 7.32 15.24
CA LEU D 114 28.29 7.37 16.69
C LEU D 114 29.23 8.54 16.93
N GLY D 115 30.08 8.91 15.98
CA GLY D 115 31.13 9.92 16.15
C GLY D 115 30.72 11.28 15.66
N GLU D 116 29.72 11.40 14.79
CA GLU D 116 29.41 12.68 14.08
C GLU D 116 27.91 12.93 14.10
N ALA D 117 27.23 12.70 15.23
CA ALA D 117 25.75 12.85 15.31
C ALA D 117 25.35 14.29 14.95
N ASP D 118 26.19 15.28 15.28
CA ASP D 118 25.95 16.71 14.93
C ASP D 118 25.84 16.90 13.41
N LEU D 119 26.69 16.28 12.61
CA LEU D 119 26.61 16.38 11.12
C LEU D 119 25.32 15.72 10.61
N ILE D 120 24.80 14.67 11.25
CA ILE D 120 23.49 14.09 10.87
C ILE D 120 22.40 15.15 11.09
N ARG D 121 22.39 15.78 12.26
CA ARG D 121 21.36 16.80 12.61
C ARG D 121 21.42 17.95 11.59
N ILE D 122 22.63 18.42 11.25
CA ILE D 122 22.85 19.54 10.30
C ILE D 122 22.35 19.13 8.91
N GLN D 123 22.78 17.96 8.41
CA GLN D 123 22.52 17.51 7.01
C GLN D 123 21.01 17.26 6.83
N ASP D 124 20.29 16.96 7.92
CA ASP D 124 18.81 16.76 7.92
C ASP D 124 18.13 18.12 7.79
N ARG D 125 18.49 19.05 8.68
CA ARG D 125 17.71 20.30 8.87
C ARG D 125 18.21 21.44 7.94
N ASP D 126 19.43 21.41 7.39
CA ASP D 126 20.08 22.63 6.84
C ASP D 126 20.68 22.40 5.44
N LEU D 127 20.40 21.27 4.79
CA LEU D 127 20.91 20.98 3.41
C LEU D 127 20.49 22.08 2.43
N ALA D 128 19.28 22.62 2.58
CA ALA D 128 18.69 23.63 1.67
C ALA D 128 19.42 24.99 1.80
N HIS D 129 20.19 25.22 2.85
CA HIS D 129 20.97 26.47 3.06
C HIS D 129 22.31 26.41 2.32
N LEU D 130 22.62 25.33 1.61
CA LEU D 130 23.86 25.26 0.78
C LEU D 130 23.64 26.06 -0.50
N PRO D 131 24.69 26.68 -1.07
CA PRO D 131 24.66 27.12 -2.46
C PRO D 131 24.34 25.92 -3.38
N ALA D 132 23.59 26.17 -4.46
CA ALA D 132 23.03 25.14 -5.37
C ALA D 132 24.12 24.14 -5.80
N VAL D 133 25.32 24.64 -6.13
CA VAL D 133 26.47 23.82 -6.62
C VAL D 133 26.87 22.83 -5.52
N ALA D 134 27.04 23.30 -4.29
CA ALA D 134 27.43 22.47 -3.11
C ALA D 134 26.34 21.44 -2.82
N GLU D 135 25.05 21.84 -2.90
CA GLU D 135 23.88 20.95 -2.70
C GLU D 135 23.94 19.78 -3.69
N ARG D 136 24.26 20.04 -4.97
CA ARG D 136 24.32 19.00 -6.04
C ARG D 136 25.50 18.06 -5.77
N GLN D 137 26.61 18.61 -5.28
CA GLN D 137 27.84 17.83 -4.92
C GLN D 137 27.48 16.86 -3.80
N VAL D 138 26.79 17.36 -2.76
CA VAL D 138 26.41 16.54 -1.58
C VAL D 138 25.45 15.44 -2.02
N ARG D 139 24.43 15.78 -2.82
CA ARG D 139 23.39 14.81 -3.25
C ARG D 139 24.02 13.76 -4.17
N LYS D 140 24.99 14.16 -5.00
CA LYS D 140 25.69 13.20 -5.90
C LYS D 140 26.47 12.18 -5.05
N ALA D 141 27.26 12.66 -4.08
CA ALA D 141 28.11 11.81 -3.22
C ALA D 141 27.23 10.87 -2.38
N GLN D 142 26.08 11.36 -1.91
CA GLN D 142 25.06 10.56 -1.17
C GLN D 142 24.51 9.46 -2.06
N ARG D 143 24.11 9.79 -3.28
CA ARG D 143 23.57 8.80 -4.23
C ARG D 143 24.63 7.71 -4.48
N GLN D 144 25.89 8.11 -4.69
CA GLN D 144 26.98 7.13 -5.01
C GLN D 144 27.25 6.25 -3.78
N TYR D 145 27.14 6.82 -2.58
CA TYR D 145 27.30 6.06 -1.32
C TYR D 145 26.23 4.97 -1.23
N VAL D 146 24.97 5.33 -1.49
CA VAL D 146 23.82 4.37 -1.53
C VAL D 146 24.12 3.27 -2.56
N GLU D 147 24.66 3.62 -3.73
CA GLU D 147 24.96 2.64 -4.81
C GLU D 147 26.02 1.62 -4.34
N VAL D 148 26.98 2.04 -3.54
CA VAL D 148 27.97 1.06 -3.01
C VAL D 148 27.23 0.02 -2.16
N TRP D 149 26.36 0.47 -1.24
CA TRP D 149 25.56 -0.46 -0.40
C TRP D 149 24.68 -1.33 -1.29
N VAL D 150 24.00 -0.73 -2.25
CA VAL D 150 23.05 -1.48 -3.14
C VAL D 150 23.83 -2.60 -3.83
N GLY D 151 25.05 -2.32 -4.34
CA GLY D 151 25.83 -3.31 -5.10
C GLY D 151 26.12 -4.51 -4.21
N VAL D 152 26.54 -4.24 -2.97
CA VAL D 152 26.91 -5.30 -2.00
C VAL D 152 25.65 -6.13 -1.67
N LEU D 153 24.52 -5.46 -1.42
CA LEU D 153 23.26 -6.15 -0.96
C LEU D 153 22.76 -7.08 -2.07
N ARG D 154 22.78 -6.63 -3.32
CA ARG D 154 22.31 -7.45 -4.48
C ARG D 154 23.23 -8.66 -4.72
N GLU D 155 24.54 -8.46 -4.60
CA GLU D 155 25.53 -9.53 -4.83
C GLU D 155 25.39 -10.58 -3.73
N LEU D 156 25.08 -10.15 -2.51
CA LEU D 156 24.87 -11.05 -1.35
C LEU D 156 23.54 -11.79 -1.47
N ASN D 157 22.52 -11.22 -2.12
CA ASN D 157 21.14 -11.77 -2.16
C ASN D 157 20.71 -11.93 -3.62
N PRO D 158 21.17 -13.00 -4.31
CA PRO D 158 21.09 -13.07 -5.77
C PRO D 158 19.76 -12.72 -6.44
N GLY D 159 18.61 -12.99 -5.83
CA GLY D 159 17.33 -12.60 -6.45
C GLY D 159 16.96 -11.12 -6.30
N LEU D 160 17.68 -10.36 -5.47
CA LEU D 160 17.17 -9.08 -4.90
C LEU D 160 17.12 -8.00 -5.99
N ALA D 161 15.94 -7.43 -6.21
CA ALA D 161 15.72 -6.33 -7.17
C ALA D 161 16.43 -5.06 -6.70
N GLU D 162 16.85 -4.23 -7.66
CA GLU D 162 17.44 -2.89 -7.46
C GLU D 162 16.58 -2.05 -6.50
N ALA D 163 15.29 -1.89 -6.80
CA ALA D 163 14.36 -1.02 -6.03
C ALA D 163 14.28 -1.48 -4.57
N ASP D 164 14.23 -2.79 -4.32
CA ASP D 164 14.18 -3.35 -2.96
C ASP D 164 15.52 -3.11 -2.22
N ALA D 165 16.66 -3.33 -2.89
CA ALA D 165 18.00 -3.10 -2.31
C ALA D 165 18.15 -1.62 -1.92
N ARG D 166 17.69 -0.68 -2.76
CA ARG D 166 17.75 0.76 -2.45
C ARG D 166 16.87 1.09 -1.22
N LEU D 167 15.68 0.53 -1.16
CA LEU D 167 14.75 0.75 -0.02
C LEU D 167 15.44 0.23 1.26
N MET D 168 16.08 -0.93 1.19
CA MET D 168 16.78 -1.53 2.35
C MET D 168 17.96 -0.64 2.77
N ALA D 169 18.74 -0.12 1.84
CA ALA D 169 19.88 0.77 2.12
C ALA D 169 19.39 2.01 2.85
N HIS D 170 18.42 2.74 2.29
CA HIS D 170 17.86 3.96 2.94
C HIS D 170 17.30 3.63 4.36
N ALA D 171 16.69 2.48 4.53
CA ALA D 171 16.14 2.01 5.82
C ALA D 171 17.30 1.82 6.83
N VAL D 172 18.41 1.22 6.39
CA VAL D 172 19.58 0.98 7.27
C VAL D 172 20.20 2.34 7.63
N PHE D 173 20.33 3.27 6.72
CA PHE D 173 20.85 4.63 7.05
C PHE D 173 19.91 5.30 8.07
N GLY D 174 18.62 5.16 7.89
CA GLY D 174 17.64 5.72 8.86
C GLY D 174 17.82 5.12 10.26
N LEU D 175 17.95 3.79 10.34
CA LEU D 175 18.19 3.01 11.58
C LEU D 175 19.46 3.55 12.26
N LEU D 176 20.57 3.58 11.54
CA LEU D 176 21.89 3.97 12.11
C LEU D 176 21.91 5.47 12.42
N ASN D 177 21.25 6.29 11.60
CA ASN D 177 21.30 7.76 11.79
C ASN D 177 20.30 8.19 12.89
N SER D 178 19.74 7.26 13.66
CA SER D 178 18.80 7.59 14.76
C SER D 178 19.58 8.04 16.00
N THR D 179 20.90 7.97 15.98
CA THR D 179 21.82 8.28 17.11
C THR D 179 21.59 9.69 17.70
N PRO D 180 21.30 10.76 16.94
CA PRO D 180 21.03 12.06 17.58
C PRO D 180 19.83 12.02 18.54
N HIS D 181 18.82 11.18 18.26
CA HIS D 181 17.58 11.05 19.07
C HIS D 181 17.84 10.20 20.30
N SER D 182 18.70 9.19 20.18
CA SER D 182 18.90 8.20 21.25
C SER D 182 20.15 8.51 22.10
N MET D 183 21.10 9.32 21.63
CA MET D 183 22.43 9.53 22.27
C MET D 183 22.65 11.03 22.56
N LYS D 184 22.25 11.53 23.73
CA LYS D 184 22.58 12.93 24.17
C LYS D 184 24.03 12.96 24.67
N ALA D 185 24.78 14.00 24.28
CA ALA D 185 26.27 14.10 24.39
C ALA D 185 26.65 14.88 25.65
N LYS D 189 29.44 9.07 27.27
CA LYS D 189 30.20 7.95 27.88
C LYS D 189 30.76 7.03 26.80
N PRO D 190 32.06 6.68 26.83
CA PRO D 190 32.57 5.51 26.12
C PRO D 190 31.67 4.25 26.22
N ALA D 191 31.17 3.93 27.42
CA ALA D 191 30.32 2.72 27.60
C ALA D 191 29.01 2.85 26.80
N ARG D 192 28.46 4.04 26.63
CA ARG D 192 27.23 4.29 25.83
C ARG D 192 27.54 4.01 24.34
N THR D 193 28.69 4.50 23.86
CA THR D 193 29.14 4.30 22.46
C THR D 193 29.25 2.82 22.16
N VAL D 194 29.96 2.06 22.99
CA VAL D 194 30.24 0.62 22.72
C VAL D 194 28.94 -0.17 22.72
N ARG D 195 28.06 0.13 23.66
CA ARG D 195 26.77 -0.58 23.80
C ARG D 195 25.90 -0.24 22.58
N ALA D 196 25.80 1.03 22.21
CA ALA D 196 24.98 1.47 21.06
C ALA D 196 25.52 0.83 19.80
N ARG D 197 26.85 0.78 19.62
CA ARG D 197 27.42 0.11 18.44
C ARG D 197 26.90 -1.33 18.40
N ALA D 198 26.97 -2.07 19.51
CA ALA D 198 26.60 -3.50 19.52
C ALA D 198 25.11 -3.66 19.17
N VAL D 199 24.26 -2.87 19.80
CA VAL D 199 22.78 -2.95 19.63
C VAL D 199 22.42 -2.56 18.20
N LEU D 200 22.93 -1.44 17.69
CA LEU D 200 22.60 -0.97 16.32
C LEU D 200 23.16 -1.94 15.27
N ARG D 201 24.35 -2.51 15.48
CA ARG D 201 24.90 -3.49 14.51
C ARG D 201 24.00 -4.75 14.50
N ALA D 202 23.59 -5.27 15.65
CA ALA D 202 22.75 -6.49 15.74
C ALA D 202 21.39 -6.22 15.06
N MET D 203 20.81 -5.04 15.29
CA MET D 203 19.52 -4.64 14.65
C MET D 203 19.71 -4.60 13.14
N THR D 204 20.82 -4.05 12.67
CA THR D 204 21.09 -3.86 11.24
C THR D 204 21.30 -5.22 10.57
N VAL D 205 22.10 -6.11 11.17
CA VAL D 205 22.35 -7.47 10.62
C VAL D 205 21.03 -8.24 10.54
N ALA D 206 20.22 -8.23 11.59
CA ALA D 206 18.89 -8.90 11.62
C ALA D 206 17.98 -8.26 10.58
N ALA D 207 17.93 -6.92 10.46
CA ALA D 207 17.10 -6.21 9.45
C ALA D 207 17.47 -6.69 8.04
N LEU D 208 18.76 -6.76 7.73
CA LEU D 208 19.22 -7.11 6.36
C LEU D 208 19.02 -8.61 6.09
N SER D 209 18.86 -9.47 7.10
CA SER D 209 18.44 -10.89 6.99
C SER D 209 17.12 -11.03 6.23
N ALA D 210 16.24 -10.02 6.32
CA ALA D 210 14.93 -9.97 5.65
C ALA D 210 15.06 -10.01 4.12
N ALA D 211 16.20 -9.66 3.53
CA ALA D 211 16.39 -9.67 2.06
C ALA D 211 16.08 -11.10 1.56
N ASP D 212 16.60 -12.09 2.28
CA ASP D 212 16.46 -13.54 1.97
C ASP D 212 14.97 -13.94 2.00
N ARG D 213 14.21 -13.53 3.02
CA ARG D 213 12.76 -13.85 3.18
C ARG D 213 11.88 -13.00 2.24
N CYS D 214 12.45 -12.11 1.43
CA CYS D 214 11.72 -11.20 0.52
C CYS D 214 12.07 -11.47 -0.96
N LEU D 215 12.88 -12.50 -1.27
CA LEU D 215 13.36 -12.80 -2.66
C LEU D 215 12.31 -13.59 -3.46
C1 GOL E . -8.39 -18.12 -8.13
O1 GOL E . -9.70 -17.59 -8.08
C2 GOL E . -7.34 -17.02 -8.27
O2 GOL E . -7.29 -16.57 -9.62
C3 GOL E . -7.57 -15.88 -7.28
O3 GOL E . -7.40 -14.58 -7.83
C1 GOL F . 2.90 -12.41 -8.10
O1 GOL F . 1.61 -12.41 -7.49
C2 GOL F . 2.77 -12.33 -9.60
O2 GOL F . 4.03 -12.07 -10.20
C3 GOL F . 1.83 -11.25 -10.06
O3 GOL F . 2.25 -10.76 -11.33
C1 GOL G . -13.24 -8.66 -9.85
O1 GOL G . -13.50 -10.04 -9.58
C2 GOL G . -13.38 -8.34 -11.33
O2 GOL G . -12.62 -9.25 -12.12
C3 GOL G . -12.96 -6.92 -11.70
O3 GOL G . -13.80 -6.32 -12.69
C1 GOL H . -2.08 8.49 12.94
O1 GOL H . -2.89 7.33 12.69
C2 GOL H . -2.34 9.51 11.87
O2 GOL H . -3.47 10.32 12.18
C3 GOL H . -1.19 10.44 11.66
O3 GOL H . -1.67 11.60 11.02
C1 GOL I . 14.07 8.98 15.16
O1 GOL I . 14.81 7.84 15.53
C2 GOL I . 14.21 9.20 13.67
O2 GOL I . 15.60 9.35 13.39
C3 GOL I . 13.40 10.37 13.15
O3 GOL I . 12.80 10.08 11.91
C1 GOL J . -32.63 -10.63 -9.52
O1 GOL J . -33.03 -11.01 -10.83
C2 GOL J . -33.81 -10.15 -8.69
O2 GOL J . -34.97 -10.10 -9.50
C3 GOL J . -34.08 -11.00 -7.46
O3 GOL J . -33.42 -10.48 -6.31
C1 GOL K . 27.91 -4.62 24.20
O1 GOL K . 27.33 -5.57 25.09
C2 GOL K . 29.15 -3.97 24.78
O2 GOL K . 30.32 -4.63 24.31
C3 GOL K . 29.15 -3.91 26.31
O3 GOL K . 28.26 -2.91 26.79
C1 GOL L . 35.14 -1.22 16.23
O1 GOL L . 34.27 -2.28 15.79
C2 GOL L . 35.20 -0.03 15.29
O2 GOL L . 35.84 -0.38 14.06
C3 GOL L . 35.91 1.18 15.88
O3 GOL L . 35.99 2.28 14.97
#